data_2WH5
#
_entry.id   2WH5
#
_cell.length_a   85.060
_cell.length_b   95.100
_cell.length_c   119.740
_cell.angle_alpha   90.00
_cell.angle_beta   110.28
_cell.angle_gamma   90.00
#
_symmetry.space_group_name_H-M   'P 1 21 1'
#
loop_
_entity.id
_entity.type
_entity.pdbx_description
1 polymer 'ACYL-COA-BINDING DOMAIN-CONTAINING PROTEIN 4'
2 non-polymer 'STEARIC ACID'
3 non-polymer 'STEAROYL-COENZYME A'
4 non-polymer 'COENZYME A'
5 water water
#
_entity_poly.entity_id   1
_entity_poly.type   'polypeptide(L)'
_entity_poly.pdbx_seq_one_letter_code
;SMSPEPDCQKQFQAAVSVIQNLPKNGSYRPSYEEMLRFYSYYKQATMGPCLVPRPGFWDPIGRYKWDAWNSLGKMSREEA
MSAYITEMKLVAQKVIDTVPLGEVAE
;
_entity_poly.pdbx_strand_id   A,B,C,D,E,F
#
loop_
_chem_comp.id
_chem_comp.type
_chem_comp.name
_chem_comp.formula
COA non-polymer 'COENZYME A' 'C21 H36 N7 O16 P3 S'
ST9 non-polymer 'STEAROYL-COENZYME A' 'C39 H70 N7 O17 P3 S'
STE non-polymer 'STEARIC ACID' 'C18 H36 O2'
#
# COMPACT_ATOMS: atom_id res chain seq x y z
N GLN A 9 -30.60 17.29 19.11
CA GLN A 9 -30.85 18.70 19.33
C GLN A 9 -32.03 19.12 18.47
N LYS A 10 -32.63 20.24 18.88
CA LYS A 10 -33.57 20.96 18.04
C LYS A 10 -32.75 21.67 16.97
N GLN A 11 -31.50 22.00 17.33
CA GLN A 11 -30.60 22.68 16.43
C GLN A 11 -30.31 21.82 15.21
N PHE A 12 -29.98 20.56 15.45
CA PHE A 12 -29.72 19.64 14.36
C PHE A 12 -30.85 19.62 13.34
N GLN A 13 -32.07 19.34 13.81
CA GLN A 13 -33.23 19.34 12.93
C GLN A 13 -33.41 20.67 12.21
N ALA A 14 -33.01 21.77 12.84
CA ALA A 14 -33.06 23.08 12.18
C ALA A 14 -32.02 23.18 11.05
N ALA A 15 -30.79 22.81 11.38
CA ALA A 15 -29.71 22.77 10.40
C ALA A 15 -30.15 21.95 9.18
N VAL A 16 -30.55 20.72 9.44
CA VAL A 16 -31.10 19.84 8.43
C VAL A 16 -32.17 20.52 7.57
N SER A 17 -33.06 21.30 8.19
CA SER A 17 -34.05 22.09 7.46
C SER A 17 -33.45 23.10 6.50
N VAL A 18 -32.56 23.93 7.02
CA VAL A 18 -31.84 24.91 6.19
C VAL A 18 -31.30 24.23 4.93
N ILE A 19 -30.63 23.09 5.11
CA ILE A 19 -29.98 22.41 4.02
C ILE A 19 -30.99 21.79 3.06
N GLN A 20 -32.10 21.32 3.61
CA GLN A 20 -33.08 20.66 2.75
C GLN A 20 -33.81 21.63 1.84
N ASN A 21 -34.02 22.85 2.32
CA ASN A 21 -34.72 23.88 1.55
C ASN A 21 -33.82 24.76 0.69
N LEU A 22 -32.51 24.55 0.74
CA LEU A 22 -31.63 25.26 -0.18
C LEU A 22 -31.99 24.98 -1.64
N PRO A 23 -31.56 25.87 -2.54
CA PRO A 23 -31.74 25.65 -3.98
C PRO A 23 -30.74 24.59 -4.42
N LYS A 24 -31.06 23.80 -5.45
CA LYS A 24 -30.16 22.75 -5.91
C LYS A 24 -28.89 23.35 -6.51
N ASN A 25 -29.04 24.46 -7.21
CA ASN A 25 -27.92 25.23 -7.75
C ASN A 25 -27.93 26.63 -7.19
N GLY A 26 -26.77 27.27 -7.21
CA GLY A 26 -26.67 28.59 -6.63
C GLY A 26 -25.25 29.13 -6.58
N SER A 27 -25.11 30.28 -5.93
CA SER A 27 -23.85 31.01 -5.90
C SER A 27 -22.74 30.26 -5.15
N TYR A 28 -23.07 29.48 -4.13
CA TYR A 28 -22.07 28.60 -3.49
C TYR A 28 -22.06 27.24 -4.15
N ARG A 29 -20.86 26.70 -4.37
CA ARG A 29 -20.74 25.34 -4.88
C ARG A 29 -19.93 24.51 -3.89
N PRO A 30 -20.61 23.63 -3.13
CA PRO A 30 -20.05 22.83 -2.02
C PRO A 30 -19.01 21.88 -2.54
N SER A 31 -17.93 21.66 -1.80
CA SER A 31 -16.94 20.67 -2.22
C SER A 31 -17.53 19.27 -2.04
N TYR A 32 -16.89 18.29 -2.65
CA TYR A 32 -17.28 16.90 -2.45
C TYR A 32 -17.08 16.55 -0.98
N GLU A 33 -15.95 16.98 -0.43
CA GLU A 33 -15.72 16.81 0.99
C GLU A 33 -16.89 17.33 1.83
N GLU A 34 -17.27 18.57 1.56
CA GLU A 34 -18.34 19.24 2.33
C GLU A 34 -19.58 18.40 2.24
N MET A 35 -19.88 17.99 1.01
CA MET A 35 -21.07 17.19 0.80
C MET A 35 -20.98 15.89 1.62
N LEU A 36 -19.85 15.19 1.52
CA LEU A 36 -19.70 13.88 2.17
C LEU A 36 -19.69 14.01 3.68
N ARG A 37 -19.10 15.09 4.19
CA ARG A 37 -19.25 15.43 5.61
C ARG A 37 -20.71 15.51 6.08
N PHE A 38 -21.47 16.45 5.50
CA PHE A 38 -22.90 16.54 5.80
C PHE A 38 -23.60 15.16 5.63
N TYR A 39 -23.30 14.45 4.55
CA TYR A 39 -23.99 13.19 4.30
C TYR A 39 -23.68 12.16 5.39
N SER A 40 -22.40 11.97 5.67
CA SER A 40 -22.02 10.94 6.64
C SER A 40 -22.54 11.29 8.02
N TYR A 41 -22.33 12.51 8.48
CA TYR A 41 -22.87 12.85 9.80
C TYR A 41 -24.38 12.63 9.87
N TYR A 42 -25.08 12.95 8.80
CA TYR A 42 -26.53 12.87 8.77
C TYR A 42 -27.00 11.43 8.90
N LYS A 43 -26.25 10.50 8.29
CA LYS A 43 -26.63 9.10 8.35
C LYS A 43 -26.32 8.55 9.72
N GLN A 44 -25.15 8.89 10.24
CA GLN A 44 -24.78 8.50 11.60
C GLN A 44 -25.88 8.95 12.57
N ALA A 45 -26.36 10.18 12.37
CA ALA A 45 -27.38 10.75 13.26
C ALA A 45 -28.72 10.06 13.15
N THR A 46 -29.15 9.75 11.93
CA THR A 46 -30.53 9.35 11.72
C THR A 46 -30.69 7.85 11.67
N MET A 47 -29.63 7.15 11.30
CA MET A 47 -29.69 5.71 11.14
C MET A 47 -28.71 4.94 12.00
N GLY A 48 -27.74 5.64 12.58
CA GLY A 48 -26.71 4.99 13.36
C GLY A 48 -25.55 4.49 12.51
N PRO A 49 -24.78 3.57 13.05
CA PRO A 49 -23.54 3.12 12.39
C PRO A 49 -23.90 2.39 11.12
N CYS A 50 -23.00 2.49 10.14
CA CYS A 50 -23.26 1.90 8.85
C CYS A 50 -23.13 0.37 8.93
N LEU A 51 -24.24 -0.33 8.70
CA LEU A 51 -24.29 -1.79 8.69
C LEU A 51 -24.97 -2.38 7.46
N VAL A 52 -25.21 -1.55 6.45
CA VAL A 52 -25.75 -2.02 5.19
C VAL A 52 -24.62 -2.46 4.26
N PRO A 53 -24.93 -3.24 3.22
CA PRO A 53 -23.86 -3.68 2.33
C PRO A 53 -23.30 -2.51 1.53
N ARG A 54 -22.04 -2.62 1.12
CA ARG A 54 -21.43 -1.57 0.32
C ARG A 54 -21.74 -1.83 -1.16
N PRO A 55 -22.10 -0.75 -1.89
CA PRO A 55 -22.44 -0.75 -3.32
C PRO A 55 -21.24 -1.19 -4.16
N GLY A 56 -21.52 -1.67 -5.37
CA GLY A 56 -20.46 -2.23 -6.18
C GLY A 56 -19.80 -1.26 -7.12
N PHE A 57 -18.92 -1.78 -7.96
CA PHE A 57 -18.21 -0.95 -8.91
C PHE A 57 -19.12 -0.04 -9.75
N TRP A 58 -20.28 -0.54 -10.15
CA TRP A 58 -21.10 0.23 -11.10
C TRP A 58 -21.93 1.33 -10.42
N ASP A 59 -21.62 1.60 -9.15
CA ASP A 59 -22.30 2.65 -8.41
C ASP A 59 -21.32 3.46 -7.59
N PRO A 60 -20.46 4.23 -8.26
CA PRO A 60 -19.38 5.01 -7.66
C PRO A 60 -19.87 6.01 -6.62
N ILE A 61 -20.98 6.70 -6.90
CA ILE A 61 -21.47 7.66 -5.94
C ILE A 61 -21.91 6.95 -4.67
N GLY A 62 -22.65 5.85 -4.83
CA GLY A 62 -22.95 4.95 -3.72
C GLY A 62 -21.71 4.50 -2.93
N ARG A 63 -20.64 4.11 -3.62
CA ARG A 63 -19.41 3.75 -2.91
C ARG A 63 -18.81 4.91 -2.10
N TYR A 64 -18.77 6.11 -2.67
CA TYR A 64 -18.25 7.26 -1.92
C TYR A 64 -19.11 7.55 -0.69
N LYS A 65 -20.43 7.55 -0.87
CA LYS A 65 -21.33 7.83 0.23
C LYS A 65 -21.11 6.81 1.36
N TRP A 66 -21.01 5.54 0.97
CA TRP A 66 -20.86 4.47 1.93
C TRP A 66 -19.55 4.58 2.70
N ASP A 67 -18.46 4.78 1.97
CA ASP A 67 -17.15 4.93 2.62
C ASP A 67 -17.15 6.07 3.62
N ALA A 68 -17.77 7.20 3.24
CA ALA A 68 -17.87 8.34 4.15
C ALA A 68 -18.58 7.96 5.44
N TRP A 69 -19.78 7.40 5.29
CA TRP A 69 -20.60 7.01 6.41
C TRP A 69 -19.89 5.95 7.24
N ASN A 70 -19.43 4.89 6.58
CA ASN A 70 -18.71 3.85 7.31
C ASN A 70 -17.50 4.39 8.07
N SER A 71 -16.92 5.48 7.58
CA SER A 71 -15.70 5.97 8.16
C SER A 71 -15.97 6.41 9.60
N LEU A 72 -17.23 6.70 9.92
CA LEU A 72 -17.58 7.24 11.24
C LEU A 72 -17.61 6.19 12.39
N GLY A 73 -17.57 4.92 12.02
CA GLY A 73 -17.55 3.85 12.99
C GLY A 73 -18.76 3.81 13.90
N LYS A 74 -18.51 3.77 15.21
CA LYS A 74 -19.60 3.67 16.17
C LYS A 74 -19.86 4.99 16.89
N MET A 75 -19.59 6.09 16.19
CA MET A 75 -19.89 7.43 16.71
C MET A 75 -21.35 7.53 17.17
N SER A 76 -21.56 8.07 18.37
CA SER A 76 -22.91 8.21 18.92
C SER A 76 -23.77 9.17 18.09
N ARG A 77 -25.08 9.02 18.23
CA ARG A 77 -26.05 9.83 17.49
C ARG A 77 -25.96 11.33 17.89
N GLU A 78 -25.57 11.59 19.13
CA GLU A 78 -25.37 12.96 19.62
C GLU A 78 -24.10 13.50 19.02
N GLU A 79 -23.07 12.67 19.06
CA GLU A 79 -21.79 13.01 18.46
C GLU A 79 -21.96 13.51 17.01
N ALA A 80 -22.65 12.73 16.20
CA ALA A 80 -22.85 13.08 14.80
C ALA A 80 -23.74 14.31 14.68
N MET A 81 -24.79 14.39 15.49
CA MET A 81 -25.62 15.60 15.48
C MET A 81 -24.79 16.87 15.65
N SER A 82 -24.01 16.94 16.73
CA SER A 82 -23.23 18.14 16.97
C SER A 82 -22.11 18.36 15.92
N ALA A 83 -21.64 17.30 15.28
CA ALA A 83 -20.65 17.49 14.23
C ALA A 83 -21.31 18.03 12.98
N TYR A 84 -22.55 17.63 12.74
CA TYR A 84 -23.31 18.16 11.61
C TYR A 84 -23.39 19.66 11.76
N ILE A 85 -23.81 20.09 12.94
CA ILE A 85 -23.91 21.49 13.25
C ILE A 85 -22.58 22.20 13.10
N THR A 86 -21.50 21.54 13.54
CA THR A 86 -20.19 22.16 13.45
C THR A 86 -19.77 22.36 12.00
N GLU A 87 -20.20 21.43 11.15
CA GLU A 87 -19.87 21.47 9.73
C GLU A 87 -20.64 22.59 9.04
N MET A 88 -21.85 22.81 9.52
CA MET A 88 -22.72 23.85 9.02
C MET A 88 -22.11 25.21 9.33
N LYS A 89 -21.53 25.36 10.51
CA LYS A 89 -20.96 26.63 10.86
C LYS A 89 -19.75 26.84 9.98
N LEU A 90 -19.02 25.75 9.78
CA LEU A 90 -17.82 25.75 8.98
C LEU A 90 -18.08 26.28 7.57
N VAL A 91 -19.09 25.71 6.91
CA VAL A 91 -19.43 26.08 5.56
C VAL A 91 -20.10 27.46 5.53
N ALA A 92 -21.07 27.67 6.42
CA ALA A 92 -21.68 28.99 6.59
C ALA A 92 -20.61 30.07 6.65
N GLN A 93 -19.54 29.77 7.39
CA GLN A 93 -18.45 30.71 7.55
C GLN A 93 -17.82 31.00 6.20
N LYS A 94 -17.74 29.98 5.33
CA LYS A 94 -17.13 30.14 4.00
C LYS A 94 -18.00 31.04 3.13
N VAL A 95 -19.30 30.79 3.18
CA VAL A 95 -20.26 31.58 2.45
C VAL A 95 -20.24 33.05 2.90
N ILE A 96 -20.18 33.26 4.21
CA ILE A 96 -20.14 34.63 4.71
C ILE A 96 -18.95 35.39 4.13
N ASP A 97 -17.86 34.67 3.87
CA ASP A 97 -16.63 35.28 3.38
C ASP A 97 -16.53 35.28 1.86
N THR A 98 -17.61 35.67 1.19
CA THR A 98 -17.67 35.68 -0.28
C THR A 98 -18.20 37.03 -0.81
N GLN B 9 22.60 16.92 -9.76
CA GLN B 9 22.82 18.32 -9.38
C GLN B 9 24.20 18.79 -9.85
N LYS B 10 24.48 20.08 -9.69
CA LYS B 10 23.55 21.08 -9.14
C LYS B 10 22.49 21.56 -10.15
N GLN B 11 22.37 20.84 -11.26
CA GLN B 11 21.22 20.98 -12.14
C GLN B 11 19.94 20.75 -11.35
N PHE B 12 19.91 19.73 -10.50
CA PHE B 12 18.69 19.48 -9.75
C PHE B 12 18.26 20.72 -8.96
N GLN B 13 19.18 21.34 -8.25
CA GLN B 13 18.81 22.52 -7.46
C GLN B 13 18.36 23.69 -8.34
N ALA B 14 19.03 23.88 -9.47
CA ALA B 14 18.65 24.93 -10.40
C ALA B 14 17.23 24.70 -10.94
N ALA B 15 16.96 23.45 -11.31
CA ALA B 15 15.65 23.06 -11.79
C ALA B 15 14.59 23.29 -10.72
N VAL B 16 14.92 22.96 -9.48
CA VAL B 16 14.00 23.18 -8.37
C VAL B 16 13.71 24.68 -8.16
N SER B 17 14.72 25.50 -8.40
CA SER B 17 14.56 26.95 -8.34
C SER B 17 13.54 27.46 -9.34
N VAL B 18 13.74 27.10 -10.61
CA VAL B 18 12.82 27.53 -11.64
C VAL B 18 11.37 27.22 -11.20
N ILE B 19 11.13 25.98 -10.81
CA ILE B 19 9.79 25.55 -10.41
C ILE B 19 9.25 26.36 -9.23
N GLN B 20 10.09 26.60 -8.23
CA GLN B 20 9.70 27.37 -7.05
C GLN B 20 9.34 28.83 -7.35
N ASN B 21 9.89 29.37 -8.43
CA ASN B 21 9.72 30.79 -8.72
C ASN B 21 8.72 31.07 -9.84
N LEU B 22 8.21 30.01 -10.44
CA LEU B 22 7.09 30.08 -11.37
C LEU B 22 5.87 30.77 -10.75
N PRO B 23 5.12 31.52 -11.56
CA PRO B 23 3.89 32.14 -11.08
C PRO B 23 2.88 31.05 -10.78
N LYS B 24 2.04 31.20 -9.77
CA LYS B 24 1.08 30.15 -9.42
C LYS B 24 0.04 29.93 -10.53
N ASN B 25 -0.27 30.98 -11.28
CA ASN B 25 -1.11 30.85 -12.48
C ASN B 25 -0.47 31.51 -13.67
N GLY B 26 -0.44 30.81 -14.80
CA GLY B 26 0.10 31.42 -16.01
C GLY B 26 -0.49 30.88 -17.28
N SER B 27 0.22 31.10 -18.39
CA SER B 27 -0.19 30.60 -19.69
C SER B 27 -0.32 29.06 -19.72
N TYR B 28 0.60 28.35 -19.07
CA TYR B 28 0.49 26.88 -19.01
C TYR B 28 -0.24 26.36 -17.76
N ARG B 29 -1.08 25.35 -17.95
CA ARG B 29 -1.75 24.68 -16.81
C ARG B 29 -1.36 23.19 -16.71
N PRO B 30 -0.52 22.86 -15.72
CA PRO B 30 0.03 21.49 -15.61
C PRO B 30 -1.07 20.49 -15.37
N SER B 31 -0.90 19.28 -15.90
CA SER B 31 -1.81 18.18 -15.57
C SER B 31 -1.50 17.66 -14.17
N TYR B 32 -2.45 16.92 -13.62
CA TYR B 32 -2.28 16.24 -12.34
C TYR B 32 -1.08 15.31 -12.41
N GLU B 33 -1.00 14.50 -13.47
CA GLU B 33 0.19 13.68 -13.67
C GLU B 33 1.50 14.47 -13.53
N GLU B 34 1.59 15.62 -14.20
CA GLU B 34 2.87 16.34 -14.18
C GLU B 34 3.16 16.82 -12.77
N MET B 35 2.12 17.31 -12.08
CA MET B 35 2.30 17.70 -10.70
C MET B 35 2.84 16.54 -9.84
N LEU B 36 2.18 15.38 -9.91
CA LEU B 36 2.59 14.25 -9.07
C LEU B 36 3.98 13.79 -9.46
N ARG B 37 4.28 13.81 -10.76
CA ARG B 37 5.63 13.44 -11.21
C ARG B 37 6.71 14.28 -10.53
N PHE B 38 6.55 15.61 -10.59
CA PHE B 38 7.48 16.52 -9.95
C PHE B 38 7.53 16.33 -8.43
N TYR B 39 6.36 16.21 -7.83
CA TYR B 39 6.24 16.00 -6.39
C TYR B 39 7.04 14.77 -6.00
N SER B 40 6.70 13.64 -6.61
CA SER B 40 7.32 12.37 -6.23
C SER B 40 8.84 12.35 -6.45
N TYR B 41 9.29 12.84 -7.60
CA TYR B 41 10.72 12.81 -7.86
C TYR B 41 11.42 13.69 -6.85
N TYR B 42 10.76 14.79 -6.51
CA TYR B 42 11.29 15.74 -5.54
C TYR B 42 11.40 15.13 -4.13
N LYS B 43 10.33 14.49 -3.66
CA LYS B 43 10.41 13.82 -2.38
C LYS B 43 11.49 12.75 -2.40
N GLN B 44 11.47 11.89 -3.41
CA GLN B 44 12.46 10.80 -3.49
C GLN B 44 13.87 11.33 -3.46
N ALA B 45 14.09 12.47 -4.10
CA ALA B 45 15.42 13.07 -4.24
C ALA B 45 15.88 13.77 -2.96
N THR B 46 14.93 14.40 -2.27
CA THR B 46 15.25 15.07 -1.00
C THR B 46 15.19 14.12 0.23
N MET B 47 14.06 13.49 0.46
CA MET B 47 13.90 12.70 1.67
C MET B 47 14.14 11.18 1.49
N GLY B 48 14.38 10.74 0.27
CA GLY B 48 14.58 9.31 0.09
C GLY B 48 13.28 8.57 -0.13
N PRO B 49 13.34 7.25 -0.10
CA PRO B 49 12.15 6.42 -0.31
C PRO B 49 11.10 6.76 0.71
N CYS B 50 9.83 6.65 0.31
CA CYS B 50 8.70 6.94 1.19
C CYS B 50 8.50 5.86 2.26
N LEU B 51 8.76 6.20 3.53
CA LEU B 51 8.43 5.32 4.66
C LEU B 51 7.58 6.00 5.70
N VAL B 52 7.07 7.18 5.39
CA VAL B 52 6.25 7.93 6.32
C VAL B 52 4.80 7.41 6.37
N PRO B 53 4.05 7.82 7.40
CA PRO B 53 2.64 7.42 7.50
C PRO B 53 1.80 7.88 6.29
N ARG B 54 0.83 7.06 5.93
CA ARG B 54 -0.07 7.35 4.82
C ARG B 54 -1.42 7.90 5.28
N PRO B 55 -1.88 8.99 4.63
CA PRO B 55 -3.16 9.61 4.99
C PRO B 55 -4.33 8.68 4.73
N GLY B 56 -5.45 8.90 5.43
CA GLY B 56 -6.65 8.12 5.21
C GLY B 56 -7.69 8.69 4.24
N PHE B 57 -8.91 8.18 4.38
CA PHE B 57 -10.00 8.51 3.49
C PHE B 57 -10.25 10.02 3.28
N TRP B 58 -10.21 10.79 4.37
CA TRP B 58 -10.61 12.17 4.33
C TRP B 58 -9.50 13.09 3.88
N ASP B 59 -8.42 12.52 3.36
CA ASP B 59 -7.32 13.33 2.79
C ASP B 59 -6.81 12.77 1.45
N PRO B 60 -7.69 12.69 0.44
CA PRO B 60 -7.42 12.14 -0.91
C PRO B 60 -6.15 12.70 -1.52
N ILE B 61 -6.00 14.01 -1.44
CA ILE B 61 -4.83 14.65 -2.01
C ILE B 61 -3.57 14.17 -1.28
N GLY B 62 -3.67 14.06 0.04
CA GLY B 62 -2.62 13.44 0.85
C GLY B 62 -2.32 12.02 0.38
N ARG B 63 -3.38 11.25 0.12
CA ARG B 63 -3.16 9.91 -0.39
C ARG B 63 -2.52 9.88 -1.79
N TYR B 64 -2.94 10.80 -2.67
CA TYR B 64 -2.42 10.72 -4.05
C TYR B 64 -0.97 11.10 -4.02
N LYS B 65 -0.66 12.07 -3.18
CA LYS B 65 0.73 12.46 -2.98
C LYS B 65 1.58 11.28 -2.47
N TRP B 66 1.10 10.64 -1.41
CA TRP B 66 1.77 9.49 -0.83
C TRP B 66 1.90 8.37 -1.85
N ASP B 67 0.79 7.98 -2.47
CA ASP B 67 0.87 6.93 -3.49
C ASP B 67 1.91 7.24 -4.57
N ALA B 68 1.99 8.52 -4.97
CA ALA B 68 2.85 8.86 -6.09
C ALA B 68 4.29 8.68 -5.67
N TRP B 69 4.61 9.21 -4.50
CA TRP B 69 5.94 9.09 -3.94
C TRP B 69 6.33 7.61 -3.71
N ASN B 70 5.43 6.87 -3.06
CA ASN B 70 5.72 5.47 -2.74
C ASN B 70 5.99 4.64 -4.00
N SER B 71 5.41 5.03 -5.12
CA SER B 71 5.55 4.23 -6.33
C SER B 71 6.99 4.21 -6.84
N LEU B 72 7.81 5.13 -6.39
CA LEU B 72 9.21 5.12 -6.82
C LEU B 72 10.05 4.04 -6.07
N GLY B 73 9.42 3.35 -5.11
CA GLY B 73 10.13 2.42 -4.23
C GLY B 73 11.47 2.92 -3.71
N LYS B 74 12.52 2.15 -3.98
CA LYS B 74 13.87 2.40 -3.45
C LYS B 74 14.82 3.10 -4.43
N MET B 75 14.27 3.68 -5.49
CA MET B 75 15.06 4.47 -6.44
C MET B 75 15.94 5.42 -5.67
N SER B 76 17.20 5.53 -6.08
CA SER B 76 18.15 6.35 -5.34
C SER B 76 17.93 7.83 -5.56
N ARG B 77 18.58 8.63 -4.72
CA ARG B 77 18.48 10.06 -4.80
C ARG B 77 19.02 10.56 -6.12
N GLU B 78 20.13 10.00 -6.57
CA GLU B 78 20.75 10.52 -7.79
C GLU B 78 19.82 10.20 -8.97
N GLU B 79 19.16 9.04 -8.91
CA GLU B 79 18.29 8.68 -10.01
C GLU B 79 17.04 9.60 -10.03
N ALA B 80 16.51 9.91 -8.85
CA ALA B 80 15.35 10.78 -8.75
C ALA B 80 15.67 12.16 -9.26
N MET B 81 16.87 12.66 -8.93
CA MET B 81 17.27 13.98 -9.36
C MET B 81 17.27 14.05 -10.85
N SER B 82 17.90 13.08 -11.48
CA SER B 82 18.06 13.16 -12.91
C SER B 82 16.69 12.92 -13.59
N ALA B 83 15.81 12.22 -12.90
CA ALA B 83 14.46 12.01 -13.42
C ALA B 83 13.62 13.28 -13.31
N TYR B 84 13.88 14.07 -12.28
CA TYR B 84 13.20 15.33 -12.06
C TYR B 84 13.59 16.32 -13.15
N ILE B 85 14.84 16.24 -13.58
CA ILE B 85 15.31 17.09 -14.65
C ILE B 85 14.69 16.64 -15.96
N THR B 86 14.47 15.33 -16.10
CA THR B 86 13.90 14.77 -17.30
C THR B 86 12.43 15.18 -17.44
N GLU B 87 11.70 15.25 -16.34
CA GLU B 87 10.32 15.70 -16.35
C GLU B 87 10.28 17.19 -16.69
N MET B 88 11.18 17.93 -16.07
CA MET B 88 11.36 19.34 -16.37
C MET B 88 11.48 19.54 -17.88
N LYS B 89 12.31 18.72 -18.54
CA LYS B 89 12.53 18.89 -19.96
C LYS B 89 11.27 18.55 -20.71
N LEU B 90 10.61 17.51 -20.26
CA LEU B 90 9.42 17.04 -20.95
C LEU B 90 8.35 18.12 -20.93
N VAL B 91 8.21 18.78 -19.79
CA VAL B 91 7.15 19.75 -19.63
C VAL B 91 7.55 21.06 -20.26
N ALA B 92 8.84 21.37 -20.20
CA ALA B 92 9.36 22.57 -20.85
C ALA B 92 9.00 22.52 -22.32
N GLN B 93 9.14 21.34 -22.93
CA GLN B 93 8.87 21.14 -24.35
C GLN B 93 7.41 21.40 -24.69
N LYS B 94 6.49 21.02 -23.82
CA LYS B 94 5.06 21.30 -24.02
C LYS B 94 4.79 22.80 -23.96
N VAL B 95 5.45 23.50 -23.04
CA VAL B 95 5.28 24.94 -22.92
C VAL B 95 5.83 25.69 -24.15
N ILE B 96 6.89 25.17 -24.74
CA ILE B 96 7.43 25.75 -25.97
C ILE B 96 6.47 25.61 -27.15
N ASP B 97 5.69 24.52 -27.18
CA ASP B 97 4.72 24.25 -28.26
C ASP B 97 3.26 24.66 -27.92
N GLN C 9 -23.19 -14.92 12.92
CA GLN C 9 -22.92 -13.72 13.75
C GLN C 9 -23.05 -13.84 15.28
N LYS C 10 -24.12 -14.47 15.76
CA LYS C 10 -24.16 -14.80 17.18
C LYS C 10 -22.99 -15.78 17.42
N GLN C 11 -22.74 -16.62 16.43
CA GLN C 11 -21.60 -17.52 16.50
C GLN C 11 -20.26 -16.75 16.42
N PHE C 12 -20.26 -15.64 15.69
CA PHE C 12 -19.08 -14.78 15.59
C PHE C 12 -18.76 -14.12 16.93
N GLN C 13 -19.77 -13.56 17.59
CA GLN C 13 -19.60 -13.01 18.94
C GLN C 13 -19.08 -14.03 19.97
N ALA C 14 -19.49 -15.29 19.80
CA ALA C 14 -19.03 -16.33 20.71
C ALA C 14 -17.54 -16.54 20.52
N ALA C 15 -17.15 -16.74 19.25
CA ALA C 15 -15.75 -16.93 18.94
C ALA C 15 -14.93 -15.76 19.44
N VAL C 16 -15.49 -14.55 19.31
CA VAL C 16 -14.74 -13.37 19.72
C VAL C 16 -14.48 -13.42 21.22
N SER C 17 -15.51 -13.73 22.01
CA SER C 17 -15.36 -13.83 23.45
C SER C 17 -14.42 -14.94 23.90
N VAL C 18 -14.44 -16.07 23.21
CA VAL C 18 -13.48 -17.10 23.52
C VAL C 18 -12.05 -16.57 23.35
N ILE C 19 -11.79 -15.92 22.21
CA ILE C 19 -10.46 -15.32 21.99
C ILE C 19 -10.12 -14.27 23.04
N GLN C 20 -11.07 -13.39 23.35
CA GLN C 20 -10.86 -12.34 24.36
C GLN C 20 -10.51 -12.92 25.75
N ASN C 21 -11.08 -14.07 26.08
CA ASN C 21 -10.90 -14.67 27.41
C ASN C 21 -9.84 -15.77 27.53
N LEU C 22 -9.21 -16.07 26.41
CA LEU C 22 -8.05 -16.95 26.39
C LEU C 22 -6.93 -16.36 27.28
N PRO C 23 -6.20 -17.20 28.02
CA PRO C 23 -5.03 -16.76 28.79
C PRO C 23 -4.06 -15.92 27.95
N LYS C 24 -3.53 -14.86 28.55
CA LYS C 24 -2.51 -14.01 27.91
C LYS C 24 -1.27 -14.80 27.47
N ASN C 25 -0.70 -15.60 28.37
CA ASN C 25 0.40 -16.51 28.01
C ASN C 25 0.03 -17.97 28.29
N GLY C 26 0.79 -18.90 27.71
CA GLY C 26 0.52 -20.32 27.93
C GLY C 26 1.25 -21.32 27.05
N SER C 27 0.82 -22.57 27.15
CA SER C 27 1.35 -23.70 26.37
C SER C 27 1.45 -23.42 24.87
N TYR C 28 0.51 -22.63 24.37
CA TYR C 28 0.46 -22.34 22.96
C TYR C 28 1.02 -20.94 22.65
N ARG C 29 1.79 -20.90 21.58
CA ARG C 29 2.37 -19.66 21.12
C ARG C 29 1.88 -19.47 19.66
N PRO C 30 0.82 -18.67 19.45
CA PRO C 30 0.22 -18.49 18.12
C PRO C 30 1.24 -17.99 17.11
N SER C 31 1.06 -18.36 15.84
CA SER C 31 1.94 -17.82 14.81
C SER C 31 1.52 -16.39 14.45
N TYR C 32 2.50 -15.61 14.00
CA TYR C 32 2.24 -14.27 13.47
C TYR C 32 1.09 -14.32 12.46
N GLU C 33 1.17 -15.25 11.52
CA GLU C 33 0.08 -15.45 10.58
C GLU C 33 -1.26 -15.58 11.32
N GLU C 34 -1.35 -16.50 12.28
CA GLU C 34 -2.60 -16.67 13.03
C GLU C 34 -3.06 -15.36 13.68
N MET C 35 -2.17 -14.67 14.38
CA MET C 35 -2.51 -13.39 14.99
C MET C 35 -3.06 -12.42 13.94
N LEU C 36 -2.40 -12.33 12.78
CA LEU C 36 -2.83 -11.40 11.71
C LEU C 36 -4.18 -11.76 11.09
N ARG C 37 -4.43 -13.06 10.93
CA ARG C 37 -5.73 -13.53 10.45
C ARG C 37 -6.89 -13.17 11.37
N PHE C 38 -6.77 -13.49 12.66
CA PHE C 38 -7.85 -13.13 13.57
C PHE C 38 -7.99 -11.63 13.59
N TYR C 39 -6.86 -10.94 13.58
CA TYR C 39 -6.92 -9.51 13.69
C TYR C 39 -7.63 -8.89 12.49
N SER C 40 -7.21 -9.32 11.29
CA SER C 40 -7.73 -8.70 10.07
C SER C 40 -9.21 -9.05 9.81
N TYR C 41 -9.61 -10.29 10.05
CA TYR C 41 -11.02 -10.66 9.96
C TYR C 41 -11.85 -9.88 10.97
N TYR C 42 -11.32 -9.71 12.17
CA TYR C 42 -12.01 -9.00 13.23
C TYR C 42 -12.29 -7.52 12.86
N LYS C 43 -11.27 -6.85 12.30
CA LYS C 43 -11.44 -5.48 11.84
C LYS C 43 -12.43 -5.41 10.68
N GLN C 44 -12.24 -6.28 9.69
CA GLN C 44 -13.17 -6.31 8.58
C GLN C 44 -14.58 -6.59 9.09
N ALA C 45 -14.72 -7.43 10.09
CA ALA C 45 -16.05 -7.80 10.60
C ALA C 45 -16.73 -6.64 11.30
N THR C 46 -15.96 -5.90 12.09
CA THR C 46 -16.53 -4.87 12.91
C THR C 46 -16.57 -3.52 12.23
N MET C 47 -15.46 -3.13 11.59
CA MET C 47 -15.30 -1.77 11.09
C MET C 47 -15.35 -1.63 9.56
N GLY C 48 -15.52 -2.75 8.86
CA GLY C 48 -15.49 -2.76 7.41
C GLY C 48 -14.11 -2.59 6.80
N PRO C 49 -14.05 -2.29 5.50
CA PRO C 49 -12.79 -2.14 4.80
C PRO C 49 -11.89 -1.10 5.45
N CYS C 50 -10.60 -1.35 5.32
CA CYS C 50 -9.59 -0.48 5.89
C CYS C 50 -9.48 0.79 5.03
N LEU C 51 -9.84 1.94 5.61
CA LEU C 51 -9.62 3.24 4.99
C LEU C 51 -8.93 4.22 5.91
N VAL C 52 -8.53 3.76 7.10
CA VAL C 52 -7.82 4.59 8.08
C VAL C 52 -6.37 4.80 7.63
N PRO C 53 -5.70 5.82 8.17
CA PRO C 53 -4.30 6.08 7.84
C PRO C 53 -3.45 4.87 8.19
N ARG C 54 -2.25 4.81 7.63
CA ARG C 54 -1.34 3.69 7.84
C ARG C 54 -0.04 4.14 8.52
N PRO C 55 0.39 3.42 9.56
CA PRO C 55 1.58 3.82 10.32
C PRO C 55 2.86 3.89 9.49
N GLY C 56 3.82 4.68 9.96
CA GLY C 56 5.13 4.73 9.33
C GLY C 56 6.17 3.72 9.81
N PHE C 57 7.43 4.02 9.50
CA PHE C 57 8.55 3.14 9.78
C PHE C 57 8.69 2.74 11.25
N TRP C 58 8.57 3.70 12.16
CA TRP C 58 8.77 3.43 13.59
C TRP C 58 7.65 2.67 14.27
N ASP C 59 6.68 2.21 13.48
CA ASP C 59 5.58 1.39 14.02
C ASP C 59 5.35 0.11 13.19
N PRO C 60 6.34 -0.77 13.14
CA PRO C 60 6.23 -2.01 12.34
C PRO C 60 4.97 -2.84 12.62
N ILE C 61 4.60 -2.98 13.88
CA ILE C 61 3.41 -3.78 14.19
C ILE C 61 2.15 -3.12 13.64
N GLY C 62 2.06 -1.79 13.78
CA GLY C 62 1.05 -1.00 13.09
C GLY C 62 0.97 -1.28 11.59
N ARG C 63 2.10 -1.24 10.90
CA ARG C 63 2.09 -1.52 9.46
C ARG C 63 1.59 -2.93 9.17
N TYR C 64 2.03 -3.89 9.97
CA TYR C 64 1.65 -5.28 9.77
C TYR C 64 0.14 -5.43 9.96
N LYS C 65 -0.38 -4.88 11.06
CA LYS C 65 -1.83 -4.94 11.29
C LYS C 65 -2.61 -4.29 10.13
N TRP C 66 -2.15 -3.10 9.74
CA TRP C 66 -2.78 -2.34 8.63
C TRP C 66 -2.71 -3.14 7.35
N ASP C 67 -1.52 -3.63 7.01
CA ASP C 67 -1.39 -4.42 5.77
C ASP C 67 -2.31 -5.63 5.76
N ALA C 68 -2.48 -6.25 6.92
CA ALA C 68 -3.23 -7.49 6.95
C ALA C 68 -4.70 -7.15 6.75
N TRP C 69 -5.15 -6.10 7.43
CA TRP C 69 -6.53 -5.64 7.31
C TRP C 69 -6.81 -5.14 5.89
N ASN C 70 -5.91 -4.31 5.37
CA ASN C 70 -6.06 -3.78 4.03
C ASN C 70 -6.13 -4.90 2.99
N SER C 71 -5.45 -6.00 3.26
CA SER C 71 -5.36 -7.06 2.29
C SER C 71 -6.74 -7.70 1.99
N LEU C 72 -7.75 -7.48 2.82
CA LEU C 72 -9.06 -8.11 2.58
C LEU C 72 -9.94 -7.31 1.63
N GLY C 73 -9.49 -6.11 1.28
CA GLY C 73 -10.20 -5.29 0.33
C GLY C 73 -11.60 -4.94 0.80
N LYS C 74 -12.59 -5.21 -0.06
CA LYS C 74 -13.96 -4.87 0.24
C LYS C 74 -14.80 -6.05 0.76
N MET C 75 -14.14 -7.12 1.19
CA MET C 75 -14.87 -8.24 1.76
C MET C 75 -15.96 -7.71 2.69
N SER C 76 -17.17 -8.26 2.56
CA SER C 76 -18.28 -7.86 3.43
C SER C 76 -18.11 -8.33 4.88
N ARG C 77 -18.79 -7.62 5.77
CA ARG C 77 -18.82 -7.96 7.19
C ARG C 77 -19.26 -9.41 7.44
N GLU C 78 -20.33 -9.86 6.79
CA GLU C 78 -20.85 -11.20 7.11
C GLU C 78 -19.82 -12.20 6.66
N GLU C 79 -19.11 -11.88 5.59
CA GLU C 79 -18.11 -12.80 5.07
C GLU C 79 -16.88 -12.87 6.00
N ALA C 80 -16.45 -11.71 6.48
CA ALA C 80 -15.34 -11.65 7.43
C ALA C 80 -15.65 -12.39 8.74
N MET C 81 -16.91 -12.39 9.15
CA MET C 81 -17.31 -13.09 10.37
C MET C 81 -17.13 -14.57 10.17
N SER C 82 -17.73 -15.03 9.09
CA SER C 82 -17.65 -16.39 8.64
C SER C 82 -16.20 -16.84 8.59
N ALA C 83 -15.34 -16.00 8.01
CA ALA C 83 -13.94 -16.37 7.86
C ALA C 83 -13.24 -16.41 9.22
N TYR C 84 -13.62 -15.49 10.09
CA TYR C 84 -13.09 -15.47 11.44
C TYR C 84 -13.33 -16.80 12.15
N ILE C 85 -14.54 -17.32 12.00
CA ILE C 85 -14.91 -18.56 12.65
C ILE C 85 -14.19 -19.75 12.05
N THR C 86 -14.12 -19.78 10.71
CA THR C 86 -13.37 -20.78 9.99
C THR C 86 -11.92 -20.80 10.44
N GLU C 87 -11.40 -19.64 10.81
CA GLU C 87 -10.02 -19.54 11.25
C GLU C 87 -9.86 -20.03 12.69
N MET C 88 -10.91 -19.86 13.49
CA MET C 88 -10.87 -20.35 14.85
C MET C 88 -10.90 -21.87 14.85
N LYS C 89 -11.67 -22.43 13.94
CA LYS C 89 -11.73 -23.87 13.79
C LYS C 89 -10.37 -24.37 13.31
N LEU C 90 -9.83 -23.70 12.31
CA LEU C 90 -8.56 -24.12 11.75
C LEU C 90 -7.49 -24.24 12.83
N VAL C 91 -7.45 -23.27 13.74
CA VAL C 91 -6.40 -23.22 14.75
C VAL C 91 -6.67 -24.23 15.88
N ALA C 92 -7.93 -24.34 16.30
CA ALA C 92 -8.29 -25.35 17.28
C ALA C 92 -7.96 -26.73 16.72
N GLN C 93 -8.30 -26.96 15.46
CA GLN C 93 -8.09 -28.27 14.85
C GLN C 93 -6.61 -28.63 14.86
N LYS C 94 -5.76 -27.63 14.61
CA LYS C 94 -4.32 -27.82 14.63
C LYS C 94 -3.85 -28.23 16.04
N VAL C 95 -4.15 -27.43 17.05
CA VAL C 95 -3.78 -27.76 18.42
C VAL C 95 -4.24 -29.18 18.78
N ILE C 96 -5.47 -29.51 18.37
CA ILE C 96 -6.05 -30.81 18.69
C ILE C 96 -5.17 -31.96 18.21
N ASP C 97 -4.39 -31.73 17.15
CA ASP C 97 -3.50 -32.77 16.62
C ASP C 97 -2.03 -32.55 17.07
N THR C 98 -1.44 -33.58 17.70
CA THR C 98 0.00 -33.63 18.09
C THR C 98 0.34 -35.02 18.74
N GLN D 9 29.06 -25.57 -16.70
CA GLN D 9 27.69 -26.11 -16.79
C GLN D 9 27.40 -27.58 -16.43
N LYS D 10 28.31 -28.49 -16.76
CA LYS D 10 28.06 -29.90 -16.48
C LYS D 10 28.24 -30.11 -14.98
N GLN D 11 29.16 -29.34 -14.40
CA GLN D 11 29.31 -29.28 -12.95
C GLN D 11 28.03 -28.70 -12.31
N PHE D 12 27.31 -27.84 -13.03
CA PHE D 12 26.10 -27.25 -12.49
C PHE D 12 25.00 -28.30 -12.26
N GLN D 13 24.71 -29.08 -13.29
CA GLN D 13 23.77 -30.19 -13.17
C GLN D 13 24.14 -31.13 -12.02
N ALA D 14 25.45 -31.35 -11.85
CA ALA D 14 25.94 -32.26 -10.83
C ALA D 14 25.86 -31.61 -9.44
N ALA D 15 26.22 -30.33 -9.38
CA ALA D 15 26.02 -29.52 -8.17
C ALA D 15 24.56 -29.61 -7.76
N VAL D 16 23.65 -29.52 -8.73
CA VAL D 16 22.25 -29.49 -8.41
C VAL D 16 21.78 -30.80 -7.83
N SER D 17 22.07 -31.88 -8.54
CA SER D 17 21.66 -33.19 -8.08
C SER D 17 22.27 -33.53 -6.71
N VAL D 18 23.48 -33.02 -6.42
CA VAL D 18 24.07 -33.26 -5.11
C VAL D 18 23.24 -32.59 -4.03
N ILE D 19 22.89 -31.32 -4.26
CA ILE D 19 21.99 -30.59 -3.37
C ILE D 19 20.65 -31.32 -3.15
N GLN D 20 20.06 -31.82 -4.23
CA GLN D 20 18.78 -32.51 -4.13
C GLN D 20 18.85 -33.78 -3.31
N ASN D 21 20.01 -34.40 -3.26
CA ASN D 21 20.15 -35.66 -2.51
C ASN D 21 20.67 -35.53 -1.07
N LEU D 22 20.99 -34.31 -0.67
CA LEU D 22 21.19 -34.01 0.73
C LEU D 22 19.95 -34.38 1.52
N PRO D 23 20.10 -34.53 2.83
CA PRO D 23 19.01 -34.81 3.77
C PRO D 23 18.34 -33.53 4.24
N LYS D 24 17.02 -33.54 4.40
CA LYS D 24 16.30 -32.39 4.96
C LYS D 24 16.98 -31.89 6.23
N ASN D 25 17.33 -32.81 7.13
CA ASN D 25 18.06 -32.46 8.35
C ASN D 25 19.38 -33.19 8.49
N GLY D 26 20.46 -32.42 8.59
CA GLY D 26 21.78 -32.98 8.79
C GLY D 26 22.56 -32.24 9.86
N SER D 27 23.86 -32.54 9.94
CA SER D 27 24.78 -31.89 10.88
C SER D 27 24.87 -30.37 10.67
N TYR D 28 24.76 -29.95 9.42
CA TYR D 28 24.93 -28.55 9.05
C TYR D 28 23.58 -27.89 8.81
N ARG D 29 23.39 -26.71 9.38
CA ARG D 29 22.19 -25.94 9.10
C ARG D 29 22.54 -24.74 8.19
N PRO D 30 21.97 -24.70 6.98
CA PRO D 30 22.29 -23.60 6.06
C PRO D 30 21.68 -22.32 6.54
N SER D 31 22.34 -21.19 6.26
CA SER D 31 21.83 -19.89 6.65
C SER D 31 20.75 -19.44 5.68
N TYR D 32 19.90 -18.51 6.12
CA TYR D 32 18.88 -17.97 5.22
C TYR D 32 19.56 -17.41 4.00
N GLU D 33 20.60 -16.60 4.19
CA GLU D 33 21.37 -16.08 3.04
C GLU D 33 21.81 -17.20 2.08
N GLU D 34 22.28 -18.33 2.61
CA GLU D 34 22.75 -19.38 1.73
C GLU D 34 21.58 -20.02 1.00
N MET D 35 20.47 -20.24 1.70
CA MET D 35 19.32 -20.83 1.03
C MET D 35 18.84 -19.93 -0.12
N LEU D 36 18.82 -18.62 0.13
CA LEU D 36 18.44 -17.66 -0.91
C LEU D 36 19.44 -17.56 -2.08
N ARG D 37 20.74 -17.53 -1.79
CA ARG D 37 21.71 -17.60 -2.87
C ARG D 37 21.46 -18.81 -3.76
N PHE D 38 21.35 -20.00 -3.17
CA PHE D 38 21.08 -21.20 -3.97
C PHE D 38 19.77 -21.09 -4.75
N TYR D 39 18.69 -20.72 -4.08
CA TYR D 39 17.41 -20.58 -4.74
C TYR D 39 17.48 -19.64 -5.96
N SER D 40 17.96 -18.43 -5.72
CA SER D 40 18.01 -17.39 -6.75
C SER D 40 18.92 -17.77 -7.92
N TYR D 41 20.13 -18.25 -7.66
CA TYR D 41 21.00 -18.64 -8.78
C TYR D 41 20.35 -19.73 -9.61
N TYR D 42 19.67 -20.63 -8.91
CA TYR D 42 19.07 -21.78 -9.54
C TYR D 42 17.94 -21.39 -10.46
N LYS D 43 17.09 -20.47 -9.99
CA LYS D 43 15.96 -20.05 -10.80
C LYS D 43 16.46 -19.27 -12.00
N GLN D 44 17.41 -18.38 -11.77
CA GLN D 44 17.95 -17.59 -12.88
C GLN D 44 18.48 -18.52 -13.96
N ALA D 45 19.24 -19.53 -13.52
CA ALA D 45 19.92 -20.43 -14.46
C ALA D 45 18.94 -21.33 -15.22
N THR D 46 17.89 -21.79 -14.53
CA THR D 46 16.94 -22.69 -15.14
C THR D 46 15.78 -21.99 -15.86
N MET D 47 15.18 -20.99 -15.22
CA MET D 47 14.02 -20.33 -15.84
C MET D 47 14.31 -18.98 -16.47
N GLY D 48 15.49 -18.41 -16.21
CA GLY D 48 15.82 -17.09 -16.74
C GLY D 48 15.46 -15.97 -15.77
N PRO D 49 15.53 -14.71 -16.23
CA PRO D 49 15.19 -13.58 -15.35
C PRO D 49 13.79 -13.76 -14.81
N CYS D 50 13.59 -13.31 -13.57
CA CYS D 50 12.29 -13.41 -12.91
C CYS D 50 11.23 -12.51 -13.56
N LEU D 51 10.20 -13.13 -14.11
CA LEU D 51 9.15 -12.38 -14.80
C LEU D 51 7.78 -12.59 -14.17
N VAL D 52 7.66 -13.60 -13.32
CA VAL D 52 6.39 -13.80 -12.61
C VAL D 52 6.10 -12.58 -11.73
N PRO D 53 4.92 -12.55 -11.09
CA PRO D 53 4.70 -11.39 -10.24
C PRO D 53 5.10 -11.65 -8.77
N ARG D 54 5.41 -10.57 -8.04
CA ARG D 54 5.73 -10.67 -6.64
C ARG D 54 4.52 -11.23 -5.86
N PRO D 55 4.76 -12.27 -5.04
CA PRO D 55 3.73 -12.75 -4.13
C PRO D 55 3.25 -11.68 -3.16
N GLY D 56 2.08 -11.92 -2.59
CA GLY D 56 1.46 -10.93 -1.74
C GLY D 56 1.75 -11.05 -0.25
N PHE D 57 1.02 -10.26 0.51
CA PHE D 57 1.27 -10.08 1.93
C PHE D 57 1.24 -11.41 2.71
N TRP D 58 0.36 -12.33 2.35
CA TRP D 58 0.19 -13.56 3.14
C TRP D 58 1.17 -14.67 2.78
N ASP D 59 2.13 -14.37 1.91
CA ASP D 59 3.14 -15.33 1.52
C ASP D 59 4.53 -14.72 1.61
N PRO D 60 4.96 -14.38 2.83
CA PRO D 60 6.26 -13.73 3.09
C PRO D 60 7.42 -14.53 2.49
N ILE D 61 7.43 -15.84 2.71
CA ILE D 61 8.56 -16.65 2.24
C ILE D 61 8.68 -16.54 0.72
N GLY D 62 7.55 -16.64 0.04
CA GLY D 62 7.52 -16.42 -1.40
C GLY D 62 8.05 -15.03 -1.77
N ARG D 63 7.70 -14.02 -0.98
CA ARG D 63 8.21 -12.66 -1.24
C ARG D 63 9.73 -12.62 -1.08
N TYR D 64 10.25 -13.28 -0.04
CA TYR D 64 11.71 -13.39 0.11
C TYR D 64 12.32 -14.06 -1.12
N LYS D 65 11.72 -15.15 -1.57
CA LYS D 65 12.29 -15.86 -2.71
C LYS D 65 12.25 -14.98 -3.93
N TRP D 66 11.09 -14.38 -4.17
CA TRP D 66 10.90 -13.59 -5.39
C TRP D 66 11.89 -12.44 -5.36
N ASP D 67 12.01 -11.76 -4.23
CA ASP D 67 13.02 -10.71 -4.10
C ASP D 67 14.43 -11.20 -4.43
N ALA D 68 14.81 -12.35 -3.88
CA ALA D 68 16.12 -12.89 -4.17
C ALA D 68 16.29 -13.12 -5.67
N TRP D 69 15.31 -13.80 -6.26
CA TRP D 69 15.39 -14.09 -7.68
C TRP D 69 15.48 -12.78 -8.49
N ASN D 70 14.53 -11.88 -8.25
CA ASN D 70 14.51 -10.57 -8.91
C ASN D 70 15.82 -9.74 -8.79
N SER D 71 16.47 -9.80 -7.62
CA SER D 71 17.75 -9.11 -7.45
C SER D 71 18.83 -9.42 -8.51
N LEU D 72 18.71 -10.55 -9.20
CA LEU D 72 19.75 -10.91 -10.16
C LEU D 72 19.50 -10.17 -11.49
N GLY D 73 18.30 -9.62 -11.64
CA GLY D 73 17.93 -8.91 -12.85
C GLY D 73 18.24 -9.63 -14.16
N LYS D 74 19.05 -9.01 -14.99
CA LYS D 74 19.29 -9.57 -16.32
C LYS D 74 20.54 -10.45 -16.38
N MET D 75 20.69 -11.34 -15.40
CA MET D 75 21.85 -12.22 -15.35
C MET D 75 21.72 -13.38 -16.36
N SER D 76 22.84 -13.77 -16.94
CA SER D 76 22.80 -14.82 -17.96
C SER D 76 22.72 -16.18 -17.30
N ARG D 77 22.11 -17.14 -17.99
CA ARG D 77 21.99 -18.49 -17.47
C ARG D 77 23.37 -19.10 -17.13
N GLU D 78 24.38 -18.83 -17.96
CA GLU D 78 25.71 -19.37 -17.70
C GLU D 78 26.33 -18.73 -16.46
N GLU D 79 26.20 -17.43 -16.33
CA GLU D 79 26.75 -16.73 -15.19
C GLU D 79 26.08 -17.18 -13.88
N ALA D 80 24.82 -17.60 -13.98
CA ALA D 80 24.09 -18.03 -12.80
C ALA D 80 24.53 -19.43 -12.41
N MET D 81 24.62 -20.31 -13.39
CA MET D 81 25.11 -21.65 -13.14
C MET D 81 26.44 -21.56 -12.41
N SER D 82 27.28 -20.67 -12.89
CA SER D 82 28.61 -20.50 -12.35
C SER D 82 28.59 -20.02 -10.90
N ALA D 83 27.84 -18.96 -10.64
CA ALA D 83 27.75 -18.39 -9.30
C ALA D 83 27.20 -19.39 -8.27
N TYR D 84 26.37 -20.29 -8.75
CA TYR D 84 25.73 -21.32 -7.95
C TYR D 84 26.78 -22.36 -7.53
N ILE D 85 27.64 -22.74 -8.46
CA ILE D 85 28.74 -23.64 -8.14
C ILE D 85 29.69 -22.97 -7.15
N THR D 86 29.91 -21.68 -7.36
CA THR D 86 30.76 -20.90 -6.47
C THR D 86 30.18 -20.80 -5.06
N GLU D 87 28.85 -20.70 -4.99
CA GLU D 87 28.17 -20.69 -3.71
C GLU D 87 28.36 -22.05 -3.03
N MET D 88 28.22 -23.12 -3.80
CA MET D 88 28.45 -24.46 -3.24
C MET D 88 29.85 -24.61 -2.65
N LYS D 89 30.86 -24.15 -3.38
CA LYS D 89 32.22 -24.24 -2.87
C LYS D 89 32.39 -23.43 -1.59
N LEU D 90 31.76 -22.26 -1.55
CA LEU D 90 31.85 -21.36 -0.41
C LEU D 90 31.40 -22.06 0.86
N VAL D 91 30.27 -22.74 0.77
CA VAL D 91 29.68 -23.43 1.89
C VAL D 91 30.46 -24.73 2.23
N ALA D 92 30.82 -25.50 1.21
CA ALA D 92 31.66 -26.66 1.44
C ALA D 92 32.90 -26.26 2.23
N GLN D 93 33.48 -25.12 1.88
CA GLN D 93 34.68 -24.63 2.54
C GLN D 93 34.39 -24.29 4.01
N LYS D 94 33.25 -23.63 4.25
CA LYS D 94 32.79 -23.32 5.58
C LYS D 94 32.84 -24.62 6.40
N VAL D 95 32.10 -25.62 5.92
CA VAL D 95 31.97 -26.89 6.62
C VAL D 95 33.31 -27.55 6.91
N ILE D 96 34.22 -27.49 5.94
CA ILE D 96 35.55 -28.05 6.13
C ILE D 96 36.25 -27.43 7.35
N ASP D 97 35.85 -26.22 7.72
CA ASP D 97 36.47 -25.48 8.85
C ASP D 97 35.63 -25.36 10.16
N GLN E 9 -23.36 -15.29 -30.99
CA GLN E 9 -21.91 -15.41 -31.16
C GLN E 9 -21.40 -14.95 -32.49
N LYS E 10 -22.25 -15.05 -33.50
CA LYS E 10 -21.95 -14.44 -34.78
C LYS E 10 -22.52 -13.03 -34.75
N GLN E 11 -23.60 -12.85 -33.99
CA GLN E 11 -24.08 -11.52 -33.67
C GLN E 11 -22.98 -10.73 -32.95
N PHE E 12 -22.38 -11.36 -31.95
CA PHE E 12 -21.28 -10.72 -31.24
C PHE E 12 -20.13 -10.39 -32.21
N GLN E 13 -19.68 -11.38 -32.98
CA GLN E 13 -18.61 -11.17 -33.97
C GLN E 13 -18.86 -9.93 -34.82
N ALA E 14 -20.10 -9.80 -35.29
CA ALA E 14 -20.54 -8.67 -36.11
C ALA E 14 -20.59 -7.36 -35.34
N ALA E 15 -21.33 -7.35 -34.23
CA ALA E 15 -21.40 -6.18 -33.36
C ALA E 15 -20.01 -5.59 -33.13
N VAL E 16 -19.05 -6.46 -32.85
CA VAL E 16 -17.69 -6.01 -32.59
C VAL E 16 -17.08 -5.29 -33.79
N SER E 17 -17.37 -5.77 -35.00
CA SER E 17 -16.87 -5.12 -36.20
C SER E 17 -17.40 -3.70 -36.37
N VAL E 18 -18.69 -3.55 -36.13
CA VAL E 18 -19.28 -2.23 -36.16
C VAL E 18 -18.55 -1.29 -35.21
N ILE E 19 -18.43 -1.69 -33.95
CA ILE E 19 -17.76 -0.87 -32.95
C ILE E 19 -16.31 -0.53 -33.33
N GLN E 20 -15.61 -1.49 -33.91
CA GLN E 20 -14.23 -1.28 -34.31
C GLN E 20 -14.07 -0.38 -35.52
N ASN E 21 -15.14 -0.25 -36.30
CA ASN E 21 -15.08 0.53 -37.53
C ASN E 21 -15.89 1.82 -37.46
N LEU E 22 -16.30 2.21 -36.25
CA LEU E 22 -16.91 3.50 -36.04
C LEU E 22 -15.83 4.56 -36.20
N PRO E 23 -16.21 5.85 -36.17
CA PRO E 23 -15.21 6.91 -36.21
C PRO E 23 -14.76 7.28 -34.80
N LYS E 24 -13.51 7.71 -34.64
CA LYS E 24 -13.02 8.13 -33.34
C LYS E 24 -13.86 9.27 -32.77
N ASN E 25 -14.35 10.14 -33.65
CA ASN E 25 -15.18 11.26 -33.22
C ASN E 25 -16.43 11.40 -34.06
N GLY E 26 -17.57 11.62 -33.41
CA GLY E 26 -18.83 11.68 -34.14
C GLY E 26 -19.93 12.51 -33.52
N SER E 27 -21.14 12.30 -34.01
CA SER E 27 -22.29 13.08 -33.56
C SER E 27 -22.67 12.67 -32.13
N TYR E 28 -22.52 11.39 -31.82
CA TYR E 28 -22.75 10.87 -30.46
C TYR E 28 -21.46 10.73 -29.65
N ARG E 29 -21.50 11.20 -28.41
CA ARG E 29 -20.35 11.00 -27.49
C ARG E 29 -20.72 9.98 -26.40
N PRO E 30 -20.06 8.81 -26.41
CA PRO E 30 -20.38 7.74 -25.45
C PRO E 30 -20.03 8.12 -24.02
N SER E 31 -20.85 7.74 -23.05
CA SER E 31 -20.52 7.99 -21.65
C SER E 31 -19.44 7.02 -21.19
N TYR E 32 -18.72 7.37 -20.13
CA TYR E 32 -17.72 6.46 -19.57
C TYR E 32 -18.37 5.14 -19.20
N GLU E 33 -19.45 5.20 -18.42
CA GLU E 33 -20.20 3.98 -18.14
C GLU E 33 -20.43 3.14 -19.43
N GLU E 34 -20.86 3.78 -20.51
CA GLU E 34 -21.07 3.01 -21.75
C GLU E 34 -19.80 2.37 -22.26
N MET E 35 -18.73 3.16 -22.34
CA MET E 35 -17.44 2.63 -22.74
C MET E 35 -17.00 1.46 -21.85
N LEU E 36 -17.14 1.62 -20.53
CA LEU E 36 -16.70 0.57 -19.62
C LEU E 36 -17.54 -0.68 -19.77
N ARG E 37 -18.81 -0.50 -20.10
CA ARG E 37 -19.69 -1.62 -20.34
C ARG E 37 -19.21 -2.42 -21.53
N PHE E 38 -18.96 -1.73 -22.65
CA PHE E 38 -18.58 -2.44 -23.86
C PHE E 38 -17.26 -3.14 -23.60
N TYR E 39 -16.35 -2.43 -22.95
CA TYR E 39 -15.03 -2.99 -22.66
C TYR E 39 -15.10 -4.22 -21.79
N SER E 40 -15.79 -4.10 -20.66
CA SER E 40 -15.84 -5.20 -19.72
C SER E 40 -16.50 -6.44 -20.33
N TYR E 41 -17.60 -6.27 -21.08
CA TYR E 41 -18.25 -7.44 -21.66
C TYR E 41 -17.35 -8.07 -22.70
N TYR E 42 -16.70 -7.22 -23.48
CA TYR E 42 -15.82 -7.69 -24.55
C TYR E 42 -14.68 -8.53 -24.02
N LYS E 43 -14.00 -8.06 -22.96
CA LYS E 43 -12.89 -8.84 -22.39
C LYS E 43 -13.39 -10.14 -21.77
N GLN E 44 -14.54 -10.07 -21.10
CA GLN E 44 -15.15 -11.28 -20.55
C GLN E 44 -15.45 -12.25 -21.67
N ALA E 45 -16.04 -11.76 -22.75
CA ALA E 45 -16.34 -12.60 -23.92
C ALA E 45 -15.08 -13.20 -24.51
N THR E 46 -14.09 -12.36 -24.80
CA THR E 46 -12.93 -12.82 -25.54
C THR E 46 -11.87 -13.52 -24.72
N MET E 47 -11.66 -13.14 -23.46
CA MET E 47 -10.62 -13.78 -22.65
C MET E 47 -11.13 -14.43 -21.36
N GLY E 48 -12.43 -14.33 -21.12
CA GLY E 48 -13.00 -14.94 -19.92
C GLY E 48 -12.70 -14.13 -18.67
N PRO E 49 -12.80 -14.77 -17.50
CA PRO E 49 -12.57 -14.01 -16.27
C PRO E 49 -11.22 -13.30 -16.25
N CYS E 50 -11.20 -12.19 -15.51
CA CYS E 50 -10.02 -11.37 -15.35
C CYS E 50 -8.96 -12.03 -14.45
N LEU E 51 -7.84 -12.42 -15.07
CA LEU E 51 -6.77 -13.06 -14.32
C LEU E 51 -5.42 -12.39 -14.49
N VAL E 52 -5.43 -11.22 -15.13
CA VAL E 52 -4.19 -10.45 -15.26
C VAL E 52 -4.02 -9.54 -14.06
N PRO E 53 -2.82 -8.99 -13.89
CA PRO E 53 -2.62 -8.09 -12.74
C PRO E 53 -3.20 -6.70 -13.00
N ARG E 54 -3.67 -6.08 -11.94
CA ARG E 54 -4.25 -4.74 -12.00
C ARG E 54 -3.18 -3.66 -12.27
N PRO E 55 -3.40 -2.82 -13.27
CA PRO E 55 -2.43 -1.74 -13.48
C PRO E 55 -2.15 -0.98 -12.19
N GLY E 56 -1.03 -0.28 -12.17
CA GLY E 56 -0.67 0.52 -11.03
C GLY E 56 -1.17 1.98 -11.06
N PHE E 57 -0.54 2.78 -10.21
CA PHE E 57 -1.00 4.10 -9.91
C PHE E 57 -0.87 5.10 -11.07
N TRP E 58 0.14 4.93 -11.92
CA TRP E 58 0.31 5.87 -13.03
C TRP E 58 -0.57 5.50 -14.23
N ASP E 59 -1.39 4.47 -14.06
CA ASP E 59 -2.32 4.07 -15.11
C ASP E 59 -3.79 4.06 -14.67
N PRO E 60 -4.31 5.23 -14.30
CA PRO E 60 -5.70 5.39 -13.83
C PRO E 60 -6.66 4.72 -14.77
N ILE E 61 -6.50 4.97 -16.06
CA ILE E 61 -7.46 4.44 -17.04
C ILE E 61 -7.39 2.93 -17.10
N GLY E 62 -6.19 2.37 -17.05
CA GLY E 62 -6.00 0.93 -16.96
C GLY E 62 -6.67 0.35 -15.73
N ARG E 63 -6.61 1.08 -14.61
CA ARG E 63 -7.28 0.67 -13.37
C ARG E 63 -8.82 0.66 -13.49
N TYR E 64 -9.38 1.67 -14.17
CA TYR E 64 -10.82 1.73 -14.36
C TYR E 64 -11.25 0.54 -15.21
N LYS E 65 -10.54 0.32 -16.32
CA LYS E 65 -10.84 -0.78 -17.25
C LYS E 65 -10.73 -2.13 -16.56
N TRP E 66 -9.72 -2.26 -15.70
CA TRP E 66 -9.51 -3.51 -15.00
C TRP E 66 -10.62 -3.74 -13.98
N ASP E 67 -10.94 -2.73 -13.19
CA ASP E 67 -12.03 -2.86 -12.22
C ASP E 67 -13.34 -3.21 -12.91
N ALA E 68 -13.57 -2.59 -14.06
CA ALA E 68 -14.79 -2.85 -14.83
C ALA E 68 -14.85 -4.31 -15.23
N TRP E 69 -13.79 -4.78 -15.85
CA TRP E 69 -13.68 -6.16 -16.27
C TRP E 69 -13.81 -7.12 -15.06
N ASN E 70 -12.96 -6.91 -14.06
CA ASN E 70 -12.95 -7.75 -12.90
C ASN E 70 -14.32 -7.89 -12.22
N SER E 71 -15.16 -6.86 -12.33
CA SER E 71 -16.44 -6.87 -11.64
C SER E 71 -17.38 -7.90 -12.25
N LEU E 72 -17.00 -8.45 -13.40
CA LEU E 72 -17.88 -9.42 -14.03
C LEU E 72 -17.65 -10.81 -13.44
N GLY E 73 -16.55 -10.95 -12.71
CA GLY E 73 -16.23 -12.21 -12.06
C GLY E 73 -16.14 -13.42 -12.98
N LYS E 74 -16.90 -14.47 -12.64
CA LYS E 74 -16.84 -15.72 -13.40
C LYS E 74 -17.90 -15.85 -14.50
N MET E 75 -18.55 -14.73 -14.85
CA MET E 75 -19.60 -14.72 -15.88
C MET E 75 -19.20 -15.53 -17.12
N SER E 76 -20.14 -16.29 -17.66
CA SER E 76 -19.86 -17.12 -18.84
C SER E 76 -19.55 -16.27 -20.06
N ARG E 77 -18.82 -16.86 -21.01
CA ARG E 77 -18.54 -16.18 -22.27
C ARG E 77 -19.83 -15.92 -23.02
N GLU E 78 -20.69 -16.93 -23.10
CA GLU E 78 -21.97 -16.78 -23.78
C GLU E 78 -22.69 -15.55 -23.22
N GLU E 79 -22.72 -15.44 -21.90
CA GLU E 79 -23.51 -14.41 -21.24
C GLU E 79 -22.97 -13.00 -21.49
N ALA E 80 -21.65 -12.87 -21.58
CA ALA E 80 -21.05 -11.58 -21.84
C ALA E 80 -21.36 -11.17 -23.29
N MET E 81 -21.24 -12.12 -24.20
CA MET E 81 -21.59 -11.88 -25.60
C MET E 81 -22.99 -11.32 -25.70
N SER E 82 -23.92 -11.93 -24.99
CA SER E 82 -25.30 -11.51 -25.04
C SER E 82 -25.49 -10.09 -24.50
N ALA E 83 -24.82 -9.76 -23.40
CA ALA E 83 -25.00 -8.45 -22.76
C ALA E 83 -24.35 -7.33 -23.56
N TYR E 84 -23.40 -7.73 -24.40
CA TYR E 84 -22.66 -6.82 -25.24
C TYR E 84 -23.62 -6.40 -26.32
N ILE E 85 -24.38 -7.38 -26.81
CA ILE E 85 -25.33 -7.09 -27.84
C ILE E 85 -26.42 -6.19 -27.27
N THR E 86 -26.85 -6.52 -26.07
CA THR E 86 -27.85 -5.74 -25.36
C THR E 86 -27.39 -4.30 -25.16
N GLU E 87 -26.14 -4.13 -24.75
CA GLU E 87 -25.53 -2.81 -24.60
C GLU E 87 -25.47 -2.08 -25.94
N MET E 88 -25.13 -2.81 -26.99
CA MET E 88 -25.07 -2.23 -28.32
C MET E 88 -26.44 -1.67 -28.74
N LYS E 89 -27.48 -2.50 -28.67
CA LYS E 89 -28.82 -2.05 -29.03
C LYS E 89 -29.25 -0.83 -28.21
N LEU E 90 -28.98 -0.86 -26.92
CA LEU E 90 -29.38 0.23 -26.03
C LEU E 90 -28.78 1.55 -26.48
N VAL E 91 -27.49 1.50 -26.78
CA VAL E 91 -26.75 2.68 -27.22
C VAL E 91 -27.12 3.03 -28.65
N ALA E 92 -27.18 2.03 -29.51
CA ALA E 92 -27.59 2.27 -30.90
C ALA E 92 -28.90 3.03 -30.92
N GLN E 93 -29.80 2.72 -30.00
CA GLN E 93 -31.11 3.38 -29.97
C GLN E 93 -30.97 4.89 -29.72
N LYS E 94 -30.13 5.26 -28.75
CA LYS E 94 -29.80 6.67 -28.48
C LYS E 94 -29.27 7.36 -29.75
N VAL E 95 -28.21 6.81 -30.33
CA VAL E 95 -27.66 7.34 -31.58
C VAL E 95 -28.73 7.74 -32.58
N ILE E 96 -29.72 6.88 -32.80
CA ILE E 96 -30.86 7.21 -33.65
C ILE E 96 -31.79 8.18 -32.95
N ASP E 97 -31.30 9.39 -32.63
CA ASP E 97 -32.04 10.34 -31.76
C ASP E 97 -31.26 11.65 -31.46
N GLN F 9 25.86 17.90 25.59
CA GLN F 9 26.71 17.20 24.61
C GLN F 9 27.92 16.41 25.16
N LYS F 10 28.55 16.84 26.26
CA LYS F 10 29.60 16.01 26.87
C LYS F 10 28.95 14.75 27.47
N GLN F 11 27.70 14.91 27.89
CA GLN F 11 26.84 13.81 28.29
C GLN F 11 26.71 12.76 27.18
N PHE F 12 26.52 13.24 25.95
CA PHE F 12 26.42 12.38 24.79
C PHE F 12 27.69 11.56 24.69
N GLN F 13 28.82 12.24 24.80
CA GLN F 13 30.11 11.56 24.61
C GLN F 13 30.32 10.42 25.61
N ALA F 14 29.86 10.61 26.85
CA ALA F 14 29.99 9.55 27.86
C ALA F 14 29.01 8.41 27.62
N ALA F 15 27.75 8.77 27.39
CA ALA F 15 26.74 7.76 27.10
C ALA F 15 27.18 6.88 25.94
N VAL F 16 27.79 7.49 24.92
CA VAL F 16 28.32 6.70 23.81
C VAL F 16 29.40 5.76 24.33
N SER F 17 30.27 6.28 25.20
CA SER F 17 31.32 5.45 25.77
C SER F 17 30.76 4.34 26.65
N VAL F 18 29.64 4.58 27.31
CA VAL F 18 29.01 3.49 28.03
C VAL F 18 28.52 2.41 27.06
N ILE F 19 27.80 2.80 26.02
CA ILE F 19 27.28 1.82 25.06
C ILE F 19 28.40 1.05 24.39
N GLN F 20 29.47 1.74 24.06
CA GLN F 20 30.56 1.09 23.36
C GLN F 20 31.21 -0.01 24.21
N ASN F 21 31.34 0.24 25.51
CA ASN F 21 31.98 -0.70 26.42
C ASN F 21 31.03 -1.68 27.13
N LEU F 22 29.82 -1.83 26.59
CA LEU F 22 28.92 -2.90 27.07
C LEU F 22 29.31 -4.27 26.51
N PRO F 23 28.83 -5.34 27.13
CA PRO F 23 29.02 -6.70 26.60
C PRO F 23 28.03 -7.03 25.50
N LYS F 24 28.47 -7.77 24.47
CA LYS F 24 27.58 -8.12 23.36
C LYS F 24 26.40 -8.95 23.85
N ASN F 25 26.63 -9.72 24.92
CA ASN F 25 25.63 -10.60 25.48
C ASN F 25 25.39 -10.24 26.92
N GLY F 26 24.16 -10.42 27.39
CA GLY F 26 23.86 -10.03 28.76
C GLY F 26 22.48 -10.41 29.24
N SER F 27 22.12 -9.95 30.43
CA SER F 27 20.81 -10.26 30.99
C SER F 27 19.75 -9.39 30.30
N TYR F 28 20.15 -8.22 29.83
CA TYR F 28 19.25 -7.40 29.02
C TYR F 28 19.48 -7.62 27.52
N ARG F 29 18.42 -8.04 26.83
CA ARG F 29 18.43 -8.06 25.38
C ARG F 29 17.61 -6.86 24.86
N PRO F 30 18.29 -5.85 24.26
CA PRO F 30 17.56 -4.68 23.75
C PRO F 30 16.71 -5.04 22.53
N SER F 31 15.56 -4.39 22.38
CA SER F 31 14.67 -4.65 21.26
C SER F 31 15.33 -4.14 19.98
N TYR F 32 14.70 -4.43 18.84
CA TYR F 32 15.24 -3.94 17.58
C TYR F 32 15.02 -2.44 17.46
N GLU F 33 13.87 -1.97 17.94
CA GLU F 33 13.59 -0.54 17.98
C GLU F 33 14.71 0.20 18.71
N GLU F 34 15.06 -0.30 19.90
CA GLU F 34 16.06 0.35 20.77
C GLU F 34 17.39 0.47 20.07
N MET F 35 17.84 -0.62 19.46
CA MET F 35 19.08 -0.61 18.69
C MET F 35 18.99 0.44 17.56
N LEU F 36 17.92 0.39 16.78
CA LEU F 36 17.73 1.33 15.69
C LEU F 36 17.70 2.78 16.19
N ARG F 37 17.03 3.02 17.32
CA ARG F 37 17.04 4.36 17.91
C ARG F 37 18.46 4.86 18.20
N PHE F 38 19.25 4.08 18.92
CA PHE F 38 20.60 4.55 19.25
C PHE F 38 21.41 4.72 17.97
N TYR F 39 21.26 3.76 17.07
CA TYR F 39 22.06 3.80 15.86
C TYR F 39 21.74 5.05 15.04
N SER F 40 20.45 5.34 14.88
CA SER F 40 20.03 6.44 14.04
C SER F 40 20.46 7.78 14.63
N TYR F 41 20.23 7.96 15.93
CA TYR F 41 20.62 9.20 16.58
C TYR F 41 22.11 9.38 16.53
N TYR F 42 22.84 8.30 16.77
CA TYR F 42 24.29 8.34 16.74
C TYR F 42 24.81 8.75 15.36
N LYS F 43 24.22 8.20 14.30
CA LYS F 43 24.68 8.56 12.97
C LYS F 43 24.33 10.02 12.68
N GLN F 44 23.12 10.41 13.05
CA GLN F 44 22.62 11.74 12.75
C GLN F 44 23.50 12.70 13.50
N ALA F 45 23.88 12.29 14.71
CA ALA F 45 24.67 13.11 15.60
C ALA F 45 26.12 13.29 15.13
N THR F 46 26.73 12.21 14.63
CA THR F 46 28.15 12.24 14.28
C THR F 46 28.46 12.48 12.81
N MET F 47 27.54 12.10 11.92
CA MET F 47 27.80 12.21 10.50
C MET F 47 26.81 13.13 9.81
N GLY F 48 25.78 13.50 10.56
CA GLY F 48 24.75 14.35 10.00
C GLY F 48 23.73 13.54 9.22
N PRO F 49 22.94 14.23 8.39
CA PRO F 49 21.83 13.58 7.72
C PRO F 49 22.33 12.54 6.75
N CYS F 50 21.50 11.54 6.48
CA CYS F 50 21.87 10.42 5.63
C CYS F 50 21.93 10.78 4.13
N LEU F 51 23.14 10.84 3.58
CA LEU F 51 23.28 11.09 2.14
C LEU F 51 24.14 10.05 1.42
N VAL F 52 24.31 8.89 2.03
CA VAL F 52 25.02 7.78 1.39
C VAL F 52 23.99 6.93 0.68
N PRO F 53 24.43 6.07 -0.25
CA PRO F 53 23.50 5.12 -0.89
C PRO F 53 22.95 4.12 0.10
N ARG F 54 21.81 3.55 -0.24
CA ARG F 54 21.17 2.56 0.59
C ARG F 54 21.58 1.17 0.15
N PRO F 55 21.84 0.27 1.10
CA PRO F 55 22.25 -1.10 0.75
C PRO F 55 21.18 -1.83 -0.04
N GLY F 56 21.55 -2.94 -0.69
CA GLY F 56 20.62 -3.69 -1.52
C GLY F 56 19.99 -4.85 -0.78
N PHE F 57 19.26 -5.66 -1.53
CA PHE F 57 18.56 -6.77 -0.94
C PHE F 57 19.46 -7.70 -0.11
N TRP F 58 20.73 -7.87 -0.49
CA TRP F 58 21.59 -8.83 0.20
C TRP F 58 22.27 -8.28 1.43
N ASP F 59 21.72 -7.20 1.99
CA ASP F 59 22.24 -6.61 3.22
C ASP F 59 21.10 -6.10 4.13
N PRO F 60 20.20 -7.01 4.55
CA PRO F 60 19.01 -6.62 5.33
C PRO F 60 19.35 -5.66 6.46
N ILE F 61 20.32 -6.03 7.29
CA ILE F 61 20.72 -5.19 8.42
C ILE F 61 21.13 -3.79 7.94
N GLY F 62 21.96 -3.73 6.90
CA GLY F 62 22.32 -2.44 6.32
C GLY F 62 21.08 -1.64 5.95
N ARG F 63 20.11 -2.29 5.32
CA ARG F 63 18.88 -1.62 4.93
C ARG F 63 18.13 -1.10 6.14
N TYR F 64 18.02 -1.91 7.18
CA TYR F 64 17.31 -1.47 8.39
C TYR F 64 18.03 -0.27 9.01
N LYS F 65 19.36 -0.35 9.07
CA LYS F 65 20.14 0.76 9.60
C LYS F 65 19.95 2.03 8.76
N TRP F 66 20.02 1.87 7.44
CA TRP F 66 19.89 3.00 6.54
C TRP F 66 18.51 3.65 6.67
N ASP F 67 17.45 2.84 6.66
CA ASP F 67 16.09 3.38 6.85
C ASP F 67 15.97 4.19 8.14
N ALA F 68 16.45 3.62 9.25
CA ALA F 68 16.31 4.26 10.54
C ALA F 68 16.98 5.63 10.54
N TRP F 69 18.24 5.63 10.13
CA TRP F 69 19.02 6.86 10.01
C TRP F 69 18.34 7.88 9.07
N ASN F 70 18.09 7.49 7.83
CA ASN F 70 17.47 8.37 6.85
C ASN F 70 16.14 8.94 7.31
N SER F 71 15.47 8.24 8.21
CA SER F 71 14.14 8.67 8.59
C SER F 71 14.22 9.91 9.47
N LEU F 72 15.43 10.29 9.86
CA LEU F 72 15.57 11.43 10.78
C LEU F 72 15.67 12.75 10.00
N GLY F 73 15.81 12.64 8.68
CA GLY F 73 15.83 13.80 7.82
C GLY F 73 16.92 14.81 8.15
N LYS F 74 16.52 16.04 8.42
CA LYS F 74 17.49 17.12 8.60
C LYS F 74 17.67 17.44 10.07
N MET F 75 17.28 16.51 10.93
CA MET F 75 17.47 16.70 12.38
C MET F 75 18.83 17.31 12.69
N SER F 76 18.84 18.37 13.48
CA SER F 76 20.11 18.99 13.86
C SER F 76 20.95 18.06 14.71
N ARG F 77 22.25 18.29 14.76
CA ARG F 77 23.14 17.46 15.57
C ARG F 77 22.83 17.59 17.06
N GLU F 78 22.61 18.80 17.55
CA GLU F 78 22.34 18.99 18.97
C GLU F 78 21.06 18.24 19.36
N GLU F 79 20.14 18.16 18.41
CA GLU F 79 18.85 17.54 18.68
C GLU F 79 19.00 16.02 18.74
N ALA F 80 19.87 15.48 17.88
CA ALA F 80 20.09 14.05 17.83
C ALA F 80 20.78 13.59 19.10
N MET F 81 21.82 14.33 19.51
CA MET F 81 22.55 14.00 20.74
C MET F 81 21.61 13.94 21.91
N SER F 82 20.79 14.98 22.02
CA SER F 82 19.83 15.09 23.08
C SER F 82 18.84 13.91 23.08
N ALA F 83 18.46 13.44 21.90
CA ALA F 83 17.53 12.35 21.81
C ALA F 83 18.21 11.05 22.19
N TYR F 84 19.49 10.96 21.91
CA TYR F 84 20.29 9.78 22.23
C TYR F 84 20.31 9.61 23.74
N ILE F 85 20.51 10.73 24.42
CA ILE F 85 20.61 10.73 25.86
C ILE F 85 19.26 10.40 26.47
N THR F 86 18.22 10.91 25.83
CA THR F 86 16.87 10.63 26.27
C THR F 86 16.50 9.16 26.11
N GLU F 87 16.99 8.53 25.04
CA GLU F 87 16.75 7.11 24.81
C GLU F 87 17.54 6.28 25.82
N MET F 88 18.76 6.72 26.07
CA MET F 88 19.61 6.10 27.08
C MET F 88 18.90 6.08 28.44
N LYS F 89 18.27 7.19 28.81
CA LYS F 89 17.53 7.26 30.08
C LYS F 89 16.33 6.32 30.07
N LEU F 90 15.68 6.20 28.92
CA LEU F 90 14.52 5.32 28.77
C LEU F 90 14.89 3.85 28.95
N VAL F 91 15.94 3.42 28.26
CA VAL F 91 16.43 2.04 28.37
C VAL F 91 16.98 1.75 29.78
N ALA F 92 17.76 2.68 30.32
CA ALA F 92 18.26 2.53 31.67
C ALA F 92 17.10 2.36 32.64
N GLN F 93 16.06 3.16 32.48
CA GLN F 93 14.91 3.08 33.38
C GLN F 93 14.30 1.69 33.32
N LYS F 94 14.25 1.12 32.13
CA LYS F 94 13.73 -0.21 31.90
C LYS F 94 14.51 -1.21 32.73
N VAL F 95 15.82 -1.25 32.50
CA VAL F 95 16.72 -2.15 33.21
C VAL F 95 16.67 -2.01 34.74
N ILE F 96 16.17 -0.89 35.25
CA ILE F 96 16.08 -0.76 36.68
C ILE F 96 14.84 -1.51 37.18
N ASP F 97 13.81 -1.57 36.35
CA ASP F 97 12.51 -2.12 36.73
C ASP F 97 12.28 -3.57 36.22
C1 STE G . -16.31 12.37 -5.92
O1 STE G . -15.70 12.56 -4.90
O2 STE G . -15.69 12.55 -7.17
C2 STE G . -17.84 12.24 -5.86
C3 STE G . -18.50 12.54 -4.52
C4 STE G . -19.97 12.14 -4.35
C5 STE G . -20.82 13.11 -3.54
C6 STE G . -22.16 12.61 -3.05
C7 STE G . -22.73 13.32 -1.83
C8 STE G . -24.20 13.07 -1.53
C9 STE G . -25.04 14.31 -1.32
C10 STE G . -25.92 14.34 -0.08
C11 STE G . -25.48 15.29 1.04
C12 STE G . -26.03 16.70 1.09
C13 STE G . -25.11 17.88 0.79
C14 STE G . -25.46 19.24 1.44
C15 STE G . -24.56 20.43 1.09
C16 STE G . -24.81 21.82 1.68
C17 STE G . -24.00 22.99 1.10
C18 STE G . -23.98 24.35 1.81
C1 ST9 H . -25.67 28.07 -2.68
C2 ST9 H . -25.90 29.56 -2.38
O2 ST9 H . -25.86 27.79 -4.03
C3 ST9 H . -27.27 29.80 -1.73
C4 ST9 H . -27.26 30.65 -0.45
C5 ST9 H . -26.97 32.13 -0.71
C6 ST9 H . -27.72 33.14 0.18
C7 ST9 H . -26.92 34.36 0.60
C8 ST9 H . -26.95 34.62 2.11
C9 ST9 H . -25.60 34.39 2.82
C10 ST9 H . -25.63 34.30 4.36
C11 ST9 H . -25.03 33.03 4.98
C12 ST9 H . -25.79 32.47 6.19
C13 ST9 H . -26.66 31.22 5.96
C14 ST9 H . -25.94 29.92 5.57
C15 ST9 H . -26.35 29.19 4.27
C16 ST9 H . -26.54 27.66 4.37
C17 ST9 H . -25.59 26.82 5.26
C18 ST9 H . -24.70 25.77 4.59
N1A ST9 H . -27.95 16.55 5.22
O1A ST9 H . -33.11 11.69 -1.31
P1A ST9 H . -32.08 12.68 -2.16
C1B ST9 H . -29.45 12.26 2.56
S1P ST9 H . -26.78 27.07 -1.61
C2A ST9 H . -27.16 15.52 4.75
O2A ST9 H . -31.56 12.08 -3.39
P2A ST9 H . -33.68 14.64 -1.24
C2B ST9 H . -30.61 11.36 2.41
O2B ST9 H . -30.89 10.68 3.59
C2P ST9 H . -27.40 25.72 -2.65
N3A ST9 H . -27.73 14.43 4.06
O3A ST9 H . -32.83 14.10 -2.55
C3B ST9 H . -30.16 10.43 1.28
O3B ST9 H . -29.42 9.33 1.74
P3B ST9 H . -29.38 7.92 0.89
C3P ST9 H . -26.35 24.74 -3.20
C4A ST9 H . -29.07 14.43 3.86
O4A ST9 H . -33.74 13.46 -0.06
C4B ST9 H . -29.31 11.45 0.40
O4B ST9 H . -28.99 12.57 1.31
N4P ST9 H . -26.94 23.42 -3.29
C5A ST9 H . -29.85 15.43 4.30
O5A ST9 H . -35.01 15.11 -1.62
C5B ST9 H . -29.91 11.84 -0.96
O5B ST9 H . -30.85 12.90 -1.05
C5P ST9 H . -27.03 22.61 -2.08
O5P ST9 H . -26.04 22.32 -1.52
C6A ST9 H . -29.24 16.55 5.01
N6A ST9 H . -30.07 17.64 5.48
O6A ST9 H . -32.69 15.87 -0.71
C6P ST9 H . -28.24 21.69 -1.95
N7A ST9 H . -31.16 15.15 3.97
O7A ST9 H . -29.06 8.25 -0.51
C7P ST9 H . -28.25 20.95 -0.62
C8A ST9 H . -31.18 13.92 3.27
O8A ST9 H . -28.23 6.93 1.53
N8P ST9 H . -29.50 20.24 -0.36
N9A ST9 H . -29.92 13.48 3.21
O9A ST9 H . -30.85 7.18 1.06
C9P ST9 H . -29.71 19.15 -1.29
O9P ST9 H . -28.87 18.92 -2.09
CAP ST9 H . -30.83 18.17 -0.99
OAP ST9 H . -31.64 18.60 0.07
CBP ST9 H . -30.33 16.75 -0.74
CCP ST9 H . -31.40 15.80 -1.29
CDP ST9 H . -30.15 16.55 0.76
CEP ST9 H . -29.02 16.45 -1.48
C1 STE I . -6.12 13.19 -9.26
O1 STE I . -7.04 13.06 -10.02
O2 STE I . -5.04 12.28 -9.35
C2 STE I . -5.97 14.49 -8.44
C3 STE I . -4.67 14.61 -7.64
C4 STE I . -4.09 15.96 -7.29
C5 STE I . -2.65 15.93 -6.75
C6 STE I . -1.95 17.23 -6.36
C7 STE I . -0.42 17.25 -6.35
C8 STE I . 0.30 18.47 -5.77
C9 STE I . 1.82 18.31 -5.61
C10 STE I . 2.68 19.57 -5.44
C11 STE I . 3.97 19.66 -6.27
C12 STE I . 3.92 20.56 -7.50
C13 STE I . 5.10 20.55 -8.47
C14 STE I . 5.16 21.68 -9.50
C15 STE I . 4.60 21.52 -10.91
C16 STE I . 5.01 22.60 -11.91
C17 STE I . 4.81 22.42 -13.41
C18 STE I . 4.99 23.63 -14.35
C1 ST9 J . 3.93 28.87 -16.51
C2 ST9 J . 4.89 30.01 -16.94
O2 ST9 J . 2.71 28.87 -17.22
C3 ST9 J . 5.34 30.08 -18.43
C4 ST9 J . 6.74 30.67 -18.76
C5 ST9 J . 6.76 31.90 -19.69
C6 ST9 J . 7.98 32.11 -20.64
C7 ST9 J . 7.82 31.73 -22.13
C8 ST9 J . 8.52 30.44 -22.61
C9 ST9 J . 9.86 30.08 -21.95
C10 ST9 J . 10.40 28.65 -22.13
C11 ST9 J . 10.03 27.60 -21.07
C12 ST9 J . 11.10 27.17 -20.04
C13 ST9 J . 10.93 27.57 -18.55
C14 ST9 J . 9.67 27.10 -17.79
C15 ST9 J . 9.25 25.62 -17.91
C16 ST9 J . 9.31 24.72 -16.66
C17 ST9 J . 8.35 23.52 -16.63
C18 ST9 J . 6.89 23.89 -16.36
N1A ST9 J . 9.23 20.47 -7.08
O1A ST9 J . 5.92 24.16 0.10
P1A ST9 J . 4.39 23.65 -0.28
C1B ST9 J . 6.91 19.86 -2.29
S1P ST9 J . 3.72 28.62 -14.70
C2A ST9 J . 8.40 19.45 -6.67
O2A ST9 J . 3.66 23.19 0.90
P2A ST9 J . 4.24 25.86 -1.95
C2B ST9 J . 7.05 20.29 -0.88
O2B ST9 J . 8.17 19.80 -0.23
C2P ST9 J . 2.51 27.25 -14.49
N3A ST9 J . 7.86 19.42 -5.34
O3A ST9 J . 3.44 24.79 -0.97
C3B ST9 J . 5.74 19.82 -0.31
O3B ST9 J . 5.77 18.47 0.07
P3B ST9 J . 4.77 18.03 1.29
C3P ST9 J . 1.85 26.98 -13.10
C4A ST9 J . 8.19 20.40 -4.48
O4A ST9 J . 5.86 25.69 -1.70
C4B ST9 J . 4.74 20.06 -1.52
O4B ST9 J . 5.63 20.17 -2.68
N4P ST9 J . 2.30 25.82 -12.29
C5A ST9 J . 9.00 21.38 -4.87
O5A ST9 J . 3.86 27.22 -1.64
C5B ST9 J . 3.81 21.26 -1.32
O5B ST9 J . 4.57 22.45 -1.38
C5P ST9 J . 3.05 26.25 -11.14
O5P ST9 J . 3.53 27.32 -11.19
C6A ST9 J . 9.54 21.40 -6.23
N6A ST9 J . 10.42 22.49 -6.61
O6A ST9 J . 3.70 25.37 -3.47
C6P ST9 J . 3.67 25.32 -10.11
N7A ST9 J . 9.18 22.25 -3.79
O7A ST9 J . 3.36 18.46 1.09
C7P ST9 J . 4.79 26.20 -9.52
C8A ST9 J . 8.43 21.79 -2.71
O8A ST9 J . 4.79 16.40 1.42
N8P ST9 J . 5.36 25.93 -8.22
N9A ST9 J . 7.83 20.67 -3.11
O9A ST9 J . 5.48 18.82 2.54
C9P ST9 J . 4.51 25.59 -7.09
O9P ST9 J . 3.57 24.90 -7.22
CAP ST9 J . 5.18 25.83 -5.75
OAP ST9 J . 6.33 26.57 -5.98
CBP ST9 J . 5.50 24.54 -5.00
CCP ST9 J . 4.27 24.24 -4.12
CDP ST9 J . 6.75 24.79 -4.19
CEP ST9 J . 5.72 23.39 -5.97
C1 STE K . 5.63 -9.63 12.77
O1 STE K . 6.81 -9.53 12.89
O2 STE K . 5.06 -10.19 11.59
C2 STE K . 4.69 -9.01 13.82
C3 STE K . 3.20 -9.29 13.67
C4 STE K . 2.35 -8.96 14.90
C5 STE K . 0.83 -9.09 14.80
C6 STE K . 0.03 -8.85 16.07
C7 STE K . -1.49 -8.65 15.96
C8 STE K . -2.17 -8.14 17.23
C9 STE K . -3.59 -8.58 17.55
C10 STE K . -3.97 -10.01 17.18
C11 STE K . -5.33 -10.50 17.68
C12 STE K . -5.35 -11.67 18.65
C13 STE K . -5.65 -13.05 18.08
C14 STE K . -4.91 -14.25 18.66
C15 STE K . -5.66 -15.59 18.75
C16 STE K . -4.85 -16.90 18.78
C17 STE K . -5.22 -17.93 19.87
C18 STE K . -5.24 -19.44 19.60
C1 ST9 L . -2.75 -21.09 25.42
C2 ST9 L . -3.79 -22.19 25.68
O2 ST9 L . -1.98 -20.73 26.53
C3 ST9 L . -3.85 -23.26 24.57
C4 ST9 L . -4.57 -24.58 24.88
C5 ST9 L . -3.99 -25.42 26.02
C6 ST9 L . -4.60 -26.81 26.17
C7 ST9 L . -4.03 -27.93 25.27
C8 ST9 L . -5.10 -28.94 24.83
C9 ST9 L . -6.48 -28.34 24.52
C10 ST9 L . -6.87 -28.34 23.02
C11 ST9 L . -8.22 -27.70 22.62
C12 ST9 L . -8.14 -26.57 21.59
C13 ST9 L . -8.83 -25.24 21.94
C14 ST9 L . -7.92 -24.04 22.25
C15 ST9 L . -8.47 -22.62 21.94
C16 ST9 L . -8.02 -21.92 20.65
C17 ST9 L . -9.10 -21.55 19.62
C18 ST9 L . -8.74 -20.47 18.60
N1A ST9 L . -10.00 -11.11 17.65
O1A ST9 L . -8.24 -4.36 22.83
P1A ST9 L . -6.70 -4.24 22.22
C1B ST9 L . -8.37 -6.08 18.18
S1P ST9 L . -3.40 -19.67 24.43
C2A ST9 L . -9.13 -10.38 16.84
O2A ST9 L . -6.36 -2.83 22.01
P2A ST9 L . -6.13 -6.07 24.23
C2B ST9 L . -8.65 -4.76 18.83
O2B ST9 L . -9.80 -4.11 18.34
C2P ST9 L . -1.93 -18.64 24.11
N3A ST9 L . -8.81 -9.03 17.15
O3A ST9 L . -5.51 -5.01 23.08
C3B ST9 L . -7.38 -4.00 18.57
O3B ST9 L . -7.43 -3.35 17.33
P3B ST9 L . -6.52 -2.02 17.12
C3P ST9 L . -2.15 -17.13 24.01
C4A ST9 L . -9.35 -8.45 18.23
O4A ST9 L . -7.48 -5.44 24.96
C4B ST9 L . -6.27 -5.15 18.60
O4B ST9 L . -7.05 -6.38 18.40
N4P ST9 L . -2.89 -16.71 22.83
C5A ST9 L . -10.20 -9.13 19.02
O5A ST9 L . -5.07 -6.44 25.18
C5B ST9 L . -5.57 -5.15 19.96
O5B ST9 L . -6.65 -5.17 20.86
C5P ST9 L . -3.68 -15.50 22.99
O5P ST9 L . -3.78 -15.06 24.07
C6A ST9 L . -10.53 -10.52 18.71
N6A ST9 L . -11.45 -11.25 19.57
O6A ST9 L . -6.83 -7.42 23.60
C6P ST9 L . -4.79 -15.20 21.97
N7A ST9 L . -10.61 -8.29 20.04
O7A ST9 L . -5.15 -2.25 17.65
C7P ST9 L . -5.75 -14.17 22.57
C8A ST9 L . -9.96 -7.04 19.87
O8A ST9 L . -6.55 -1.68 15.51
N8P ST9 L . -5.08 -12.91 22.81
N9A ST9 L . -9.21 -7.13 18.77
O9A ST9 L . -7.21 -0.82 17.99
C9P ST9 L . -5.86 -11.80 23.30
O9P ST9 L . -6.84 -11.95 23.93
CAP ST9 L . -5.50 -10.50 22.62
OAP ST9 L . -4.23 -10.06 23.00
CBP ST9 L . -6.69 -9.54 22.52
CCP ST9 L . -6.16 -8.12 22.58
CDP ST9 L . -7.60 -9.70 23.73
CEP ST9 L . -7.49 -9.75 21.23
C1 STE M . 13.64 -16.07 5.19
O1 STE M . 14.66 -15.64 4.76
O2 STE M . 13.25 -15.79 6.52
C2 STE M . 13.08 -17.33 4.53
C3 STE M . 13.96 -17.90 3.43
C4 STE M . 13.47 -19.11 2.67
C5 STE M . 14.32 -19.63 1.51
C6 STE M . 13.88 -20.92 0.84
C7 STE M . 14.72 -21.39 -0.35
C8 STE M . 14.79 -22.88 -0.61
C9 STE M . 15.76 -23.32 -1.70
C10 STE M . 16.61 -24.56 -1.43
C11 STE M . 18.06 -24.61 -1.90
C12 STE M . 19.11 -24.41 -0.80
C13 STE M . 19.87 -25.62 -0.30
C14 STE M . 21.16 -25.34 0.45
C15 STE M . 22.27 -26.39 0.45
C16 STE M . 23.20 -26.41 1.67
C17 STE M . 24.27 -27.50 1.76
C18 STE M . 25.65 -27.18 1.20
C1 ST9 N . 24.91 -31.53 5.71
C2 ST9 N . 26.13 -32.41 5.31
O2 ST9 N . 24.54 -31.63 7.06
C3 ST9 N . 26.91 -33.07 6.49
C4 ST9 N . 28.41 -32.77 6.71
C5 ST9 N . 29.31 -33.87 7.32
C6 ST9 N . 30.79 -33.98 6.85
C7 ST9 N . 31.89 -34.09 7.94
C8 ST9 N . 33.17 -33.22 7.80
C9 ST9 N . 34.11 -33.44 6.58
C10 ST9 N . 34.20 -32.35 5.47
C11 ST9 N . 33.24 -32.51 4.26
C12 ST9 N . 33.01 -31.37 3.26
C13 ST9 N . 31.82 -31.60 2.31
C14 ST9 N . 30.65 -30.58 2.41
C15 ST9 N . 29.19 -31.04 2.68
C16 ST9 N . 28.06 -30.08 2.24
C17 ST9 N . 27.68 -29.99 0.75
C18 ST9 N . 27.86 -28.68 -0.02
N1A ST9 N . 19.04 -25.60 -5.83
O1A ST9 N . 10.78 -28.53 -5.24
P1A ST9 N . 10.52 -27.98 -3.71
C1B ST9 N . 13.79 -24.90 -6.12
S1P ST9 N . 23.45 -31.63 4.60
C2A ST9 N . 18.31 -24.45 -5.60
O2A ST9 N . 9.12 -27.59 -3.56
P2A ST9 N . 12.29 -30.00 -2.79
C2B ST9 N . 12.62 -25.42 -6.90
O2B ST9 N . 12.71 -25.25 -8.28
C2P ST9 N . 22.49 -30.08 4.80
N3A ST9 N . 16.90 -24.44 -5.75
O3A ST9 N . 10.92 -29.08 -2.52
C3B ST9 N . 11.48 -24.66 -6.24
O3B ST9 N . 11.23 -23.39 -6.77
P3B ST9 N . 9.77 -22.70 -6.46
C3P ST9 N . 21.20 -30.16 5.64
C4A ST9 N . 16.26 -25.57 -6.12
O4A ST9 N . 12.12 -30.83 -4.21
C4B ST9 N . 11.99 -24.60 -4.74
O4B ST9 N . 13.42 -24.92 -4.78
N4P ST9 N . 19.88 -29.85 5.04
C5A ST9 N . 16.95 -26.68 -6.36
O5A ST9 N . 12.48 -30.92 -1.68
C5B ST9 N . 11.11 -25.39 -3.76
O5B ST9 N . 11.55 -26.70 -3.46
C5P ST9 N . 19.64 -29.13 3.76
O5P ST9 N . 20.44 -29.09 2.90
C6A ST9 N . 18.41 -26.68 -6.20
N6A ST9 N . 19.16 -27.90 -6.47
O6A ST9 N . 13.62 -29.02 -2.94
C6P ST9 N . 18.22 -28.64 3.43
N7A ST9 N . 16.05 -27.67 -6.72
O7A ST9 N . 9.47 -22.75 -5.02
C7P ST9 N . 18.08 -28.27 1.94
C8A ST9 N . 14.76 -27.13 -6.69
O8A ST9 N . 9.80 -21.14 -6.99
N8P ST9 N . 18.50 -29.32 1.00
N9A ST9 N . 14.87 -25.86 -6.34
O9A ST9 N . 8.65 -23.53 -7.33
C9P ST9 N . 17.64 -29.67 -0.14
O9P ST9 N . 17.81 -30.72 -0.67
CAP ST9 N . 16.38 -28.83 -0.42
OAP ST9 N . 15.46 -28.94 0.62
CBP ST9 N . 15.78 -28.85 -1.84
CCP ST9 N . 14.27 -28.61 -1.75
CDP ST9 N . 15.95 -30.21 -2.52
CEP ST9 N . 16.32 -27.76 -2.77
N1A COA O . 6.39 -4.27 -4.32
C2A COA O . 5.82 -3.90 -3.06
N3A COA O . 6.64 -3.86 -1.85
C4A COA O . 7.99 -4.17 -1.88
C5A COA O . 8.55 -4.53 -3.11
C6A COA O . 7.71 -4.58 -4.35
N6A COA O . 8.34 -4.98 -5.62
N7A COA O . 9.94 -4.81 -2.91
C8A COA O . 10.21 -4.60 -1.58
N9A COA O . 9.00 -4.21 -0.92
C1B COA O . 8.92 -3.79 0.51
C2B COA O . 8.66 -4.87 1.52
O2B COA O . 7.33 -5.07 1.95
C3B COA O . 9.74 -4.73 2.57
O3B COA O . 9.41 -4.96 3.91
P3B COA O . 10.39 -5.91 4.87
O7A COA O . 9.75 -7.42 4.93
O8A COA O . 11.88 -6.00 4.20
O9A COA O . 10.47 -5.33 6.23
C4B COA O . 10.44 -3.38 2.28
O4B COA O . 10.22 -3.18 0.83
C5B COA O . 11.90 -3.19 2.81
O5B COA O . 12.96 -3.76 2.08
P1A COA O . 13.46 -3.27 0.54
O1A COA O . 14.89 -2.48 0.76
O2A COA O . 12.47 -2.36 -0.02
O3A COA O . 13.81 -4.46 -0.59
P2A COA O . 14.34 -4.06 -2.14
O4A COA O . 14.38 -5.37 -3.15
O5A COA O . 13.40 -3.08 -2.73
O6A COA O . 15.88 -3.37 -2.15
C1 STE P . -13.18 8.52 -15.71
O1 STE P . -12.63 9.53 -15.35
O2 STE P . -14.32 8.05 -15.01
C2 STE P . -12.51 7.68 -16.82
C3 STE P . -13.15 6.35 -17.23
C4 STE P . -12.29 5.51 -18.16
C5 STE P . -12.78 5.28 -19.59
C6 STE P . -11.94 4.35 -20.48
C7 STE P . -12.63 3.21 -21.25
C8 STE P . -11.85 2.47 -22.34
C9 STE P . -12.59 2.24 -23.66
C10 STE P . -12.54 0.87 -24.32
C11 STE P . -13.01 0.76 -25.77
C12 STE P . -14.45 0.35 -26.13
C13 STE P . -15.49 1.45 -26.31
C14 STE P . -16.55 1.36 -27.42
C15 STE P . -17.80 2.23 -27.22
C16 STE P . -18.72 2.57 -28.40
C17 STE P . -19.85 3.59 -28.23
C18 STE P . -20.70 3.98 -29.45
C1 ST9 Q . -21.11 7.90 -33.49
C2 ST9 Q . -21.39 8.07 -35.01
O2 ST9 Q . -21.38 9.08 -32.77
C3 ST9 Q . -22.08 6.92 -35.77
C4 ST9 Q . -22.82 7.36 -37.06
C5 ST9 Q . -22.90 6.37 -38.23
C6 ST9 Q . -24.11 6.55 -39.17
C7 ST9 Q . -24.98 7.81 -38.96
C8 ST9 Q . -26.52 7.58 -38.92
C9 ST9 Q . -26.99 6.16 -38.57
C10 ST9 Q . -27.82 6.00 -37.27
C11 ST9 Q . -28.00 4.60 -36.65
C12 ST9 Q . -26.86 3.57 -36.78
C13 ST9 Q . -25.89 3.45 -35.59
C14 ST9 Q . -25.02 2.18 -35.55
C15 ST9 Q . -23.85 2.10 -34.54
C16 ST9 Q . -24.07 2.59 -33.10
C17 ST9 Q . -23.87 1.59 -31.94
C18 ST9 Q . -23.47 2.19 -30.59
N1A ST9 Q . -15.51 -3.59 -28.07
O1A ST9 Q . -6.19 -1.64 -29.26
P1A ST9 Q . -7.03 -0.33 -28.69
C1B ST9 Q . -10.45 -3.51 -26.54
S1P ST9 Q . -19.43 7.27 -33.18
C2A ST9 Q . -15.01 -3.37 -26.79
O2A ST9 Q . -6.20 0.52 -27.84
P2A ST9 Q . -8.01 -0.15 -31.37
C2B ST9 Q . -9.05 -3.92 -26.84
O2B ST9 Q . -8.79 -5.29 -26.70
C2P ST9 Q . -18.79 8.12 -31.67
N3A ST9 Q . -13.60 -3.41 -26.55
O3A ST9 Q . -7.62 0.62 -29.93
C3B ST9 Q . -8.34 -3.10 -25.77
O3B ST9 Q . -8.26 -3.75 -24.53
P3B ST9 Q . -6.80 -3.77 -23.78
C3P ST9 Q . -17.47 7.63 -31.03
C4A ST9 Q . -12.76 -3.65 -27.59
O4A ST9 Q . -7.65 -1.77 -31.35
C4B ST9 Q . -9.17 -1.74 -25.74
O4B ST9 Q . -10.43 -2.14 -26.39
N4P ST9 Q . -17.47 6.31 -30.38
C5A ST9 Q . -13.24 -3.86 -28.83
O5A ST9 Q . -7.37 0.53 -32.49
C5B ST9 Q . -8.48 -0.60 -26.47
O5B ST9 Q . -8.28 -0.98 -27.82
C5P ST9 Q . -16.34 5.45 -30.74
O5P ST9 Q . -15.60 5.81 -31.58
C6A ST9 Q . -14.69 -3.83 -29.08
N6A ST9 Q . -15.18 -4.03 -30.43
O6A ST9 Q . -9.66 -0.02 -31.44
C6P ST9 Q . -16.29 3.95 -30.41
N7A ST9 Q . -12.15 -4.09 -29.67
O7A ST9 Q . -6.35 -2.39 -23.61
C7P ST9 Q . -15.07 3.35 -31.12
C8A ST9 Q . -10.97 -4.02 -28.92
O8A ST9 Q . -7.08 -4.54 -22.35
N8P ST9 Q . -13.91 3.14 -30.26
N9A ST9 Q . -11.33 -3.77 -27.66
O9A ST9 Q . -5.70 -4.60 -24.69
C9P ST9 Q . -12.89 2.22 -30.71
O9P ST9 Q . -12.78 1.93 -31.85
CAP ST9 Q . -12.10 1.47 -29.65
OAP ST9 Q . -10.89 2.12 -29.36
CBP ST9 Q . -11.78 0.06 -30.10
CCP ST9 Q . -10.25 0.11 -30.17
CDP ST9 Q . -12.35 -0.31 -31.46
CEP ST9 Q . -12.27 -0.94 -29.06
N1A COA R . -6.95 -5.01 -6.25
C2A COA R . -8.29 -4.60 -6.50
N3A COA R . -8.73 -3.23 -6.16
C4A COA R . -7.81 -2.34 -5.58
C5A COA R . -6.50 -2.75 -5.34
C6A COA R . -6.06 -4.12 -5.69
N6A COA R . -4.66 -4.44 -5.49
N7A COA R . -5.77 -1.67 -4.76
C8A COA R . -6.64 -0.62 -4.65
N9A COA R . -7.93 -1.03 -5.13
C1B COA R . -9.04 -0.11 -5.42
C2B COA R . -10.27 -0.04 -4.58
O2B COA R . -11.29 -0.92 -4.99
C3B COA R . -10.63 1.44 -4.55
O3B COA R . -11.82 1.87 -5.17
P3B COA R . -13.19 1.75 -4.26
O7A COA R . -12.73 1.84 -2.67
O8A COA R . -14.26 3.03 -4.52
O9A COA R . -13.85 0.46 -4.52
C4B COA R . -9.35 2.22 -4.98
O4B COA R . -8.46 1.22 -5.61
C5B COA R . -8.64 3.10 -3.94
O5B COA R . -7.41 3.68 -4.37
P1A COA R . -7.38 5.33 -4.73
O1A COA R . -6.74 5.55 -6.23
O2A COA R . -6.50 5.96 -3.74
O3A COA R . -8.95 5.94 -4.62
P2A COA R . -10.00 6.38 -5.88
O4A COA R . -11.04 5.17 -6.43
O5A COA R . -10.80 7.48 -5.33
O6A COA R . -9.07 6.94 -7.16
C1 STE S . 16.17 -6.23 12.58
O1 STE S . 15.03 -6.52 12.47
O2 STE S . 17.21 -7.17 12.35
C2 STE S . 16.54 -4.79 13.00
C3 STE S . 17.84 -4.59 13.77
C4 STE S . 19.14 -4.90 13.04
C5 STE S . 20.39 -4.20 13.59
C6 STE S . 20.14 -2.84 14.20
C7 STE S . 21.26 -2.24 15.05
C8 STE S . 22.66 -2.35 14.49
C9 STE S . 23.64 -1.25 14.93
C10 STE S . 24.13 -1.27 16.38
C11 STE S . 23.23 -0.62 17.41
C12 STE S . 23.92 0.20 18.50
C13 STE S . 23.85 -0.42 19.90
C14 STE S . 22.85 0.14 20.91
C15 STE S . 22.33 -0.82 21.99
C16 STE S . 22.18 -0.31 23.42
C17 STE S . 21.66 -1.30 24.48
C18 STE S . 21.58 -0.86 25.95
C1 ST9 T . 23.41 -5.86 29.22
C2 ST9 T . 24.24 -6.05 30.52
O2 ST9 T . 22.71 -7.02 28.87
C3 ST9 T . 23.67 -7.08 31.55
C4 ST9 T . 22.83 -6.52 32.71
C5 ST9 T . 22.73 -4.98 32.83
C6 ST9 T . 23.66 -4.29 33.87
C7 ST9 T . 23.51 -4.70 35.36
C8 ST9 T . 22.58 -3.83 36.24
C9 ST9 T . 22.93 -2.34 36.32
C10 ST9 T . 21.93 -1.42 37.05
C11 ST9 T . 21.12 -0.42 36.20
C12 ST9 T . 21.89 0.76 35.59
C13 ST9 T . 22.07 0.76 34.06
C14 ST9 T . 22.53 2.06 33.38
C15 ST9 T . 23.26 1.94 32.03
C16 ST9 T . 22.62 1.08 30.91
C17 ST9 T . 22.27 1.76 29.57
C18 ST9 T . 21.46 0.96 28.55
N1A ST9 T . 25.58 4.10 19.64
O1A ST9 T . 31.63 -0.90 14.23
P1A ST9 T . 30.53 -2.02 14.79
C1B ST9 T . 27.84 2.50 15.13
S1P ST9 T . 24.34 -5.11 27.82
C2A ST9 T . 24.96 3.76 18.45
O2A ST9 T . 30.33 -3.11 13.85
P2A ST9 T . 31.95 -1.70 17.17
C2B ST9 T . 29.06 2.69 14.28
O2B ST9 T . 29.33 4.00 13.93
C2P ST9 T . 23.39 -5.63 26.33
N3A ST9 T . 25.74 3.35 17.34
O3A ST9 T . 30.92 -2.66 16.28
C3B ST9 T . 28.71 1.81 13.09
O3B ST9 T . 28.01 2.44 12.07
P3B ST9 T . 28.02 1.70 10.59
C3P ST9 T . 24.08 -5.66 24.95
C4A ST9 T . 27.08 3.31 17.44
O4A ST9 T . 32.49 -0.45 16.23
C4B ST9 T . 27.86 0.66 13.78
O4B ST9 T . 27.59 1.14 15.14
N4P ST9 T . 24.12 -4.38 24.21
C5A ST9 T . 27.68 3.64 18.58
O5A ST9 T . 33.04 -2.50 17.72
C5B ST9 T . 28.52 -0.71 13.71
O5B ST9 T . 29.15 -1.13 14.91
C5P ST9 T . 25.36 -3.97 23.55
O5P ST9 T . 26.12 -4.78 23.15
C6A ST9 T . 26.88 4.06 19.74
N6A ST9 T . 27.53 4.41 20.99
O6A ST9 T . 31.10 -0.91 18.36
C6P ST9 T . 25.57 -2.51 23.16
N7A ST9 T . 29.06 3.49 18.40
O7A ST9 T . 27.71 0.26 10.74
C7P ST9 T . 26.87 -2.35 22.35
C8A ST9 T . 29.29 3.05 17.09
O8A ST9 T . 26.88 2.43 9.67
N8P ST9 T . 26.83 -2.74 20.95
N9A ST9 T . 28.10 2.94 16.50
O9A ST9 T . 29.52 1.90 9.93
C9P ST9 T . 28.18 -2.70 20.41
O9P ST9 T . 29.02 -2.49 21.21
CAP ST9 T . 28.36 -2.17 18.98
OAP ST9 T . 29.13 -2.99 18.13
CBP ST9 T . 28.78 -0.69 19.08
CCP ST9 T . 29.83 -0.40 18.00
CDP ST9 T . 29.48 -0.38 20.40
CEP ST9 T . 27.56 0.23 18.95
#